data_2KCK
#
_entry.id   2KCK
#
_entity_poly.entity_id   1
_entity_poly.type   'polypeptide(L)'
_entity_poly.pdbx_seq_one_letter_code
;MVDQNPEEYYLEGVLQYDAGNYTESIDLFEKAIQLDPEESKYWLMKGKALYNLERYEEAVDCYNYVINVIEDEYNKDVWA
AKADALRYIEGKEVEAEIAEARAKLEHHHHHH
;
_entity_poly.pdbx_strand_id   A
#
# COMPACT_ATOMS: atom_id res chain seq x y z
N MET A 1 17.54 -8.15 11.37
CA MET A 1 16.31 -8.27 10.54
C MET A 1 15.09 -8.00 11.43
N VAL A 2 13.90 -8.19 10.86
CA VAL A 2 12.66 -7.96 11.61
C VAL A 2 12.13 -9.28 12.14
N ASP A 3 12.15 -9.43 13.46
CA ASP A 3 11.66 -10.66 14.11
C ASP A 3 10.97 -10.33 15.42
N GLN A 4 9.65 -10.49 15.42
CA GLN A 4 8.84 -10.22 16.63
C GLN A 4 7.78 -11.30 16.80
N ASN A 5 6.83 -11.32 15.88
CA ASN A 5 5.74 -12.29 15.90
C ASN A 5 5.07 -12.48 14.52
N PRO A 6 4.96 -11.45 13.72
CA PRO A 6 4.31 -11.57 12.39
C PRO A 6 5.28 -12.10 11.34
N GLU A 7 6.31 -12.83 11.73
CA GLU A 7 7.29 -13.38 10.81
C GLU A 7 6.70 -14.57 10.07
N GLU A 8 6.07 -15.48 10.81
CA GLU A 8 5.47 -16.67 10.21
C GLU A 8 4.18 -16.31 9.47
N TYR A 9 3.47 -15.32 9.98
CA TYR A 9 2.23 -14.88 9.36
C TYR A 9 2.44 -14.55 7.89
N TYR A 10 3.68 -14.25 7.51
CA TYR A 10 4.01 -13.92 6.12
C TYR A 10 3.41 -14.96 5.17
N LEU A 11 2.99 -16.10 5.71
CA LEU A 11 2.41 -17.17 4.90
C LEU A 11 1.36 -16.61 3.95
N GLU A 12 0.87 -15.43 4.29
CA GLU A 12 -0.15 -14.82 3.47
C GLU A 12 0.35 -14.63 2.05
N GLY A 13 1.49 -13.98 1.92
CA GLY A 13 2.10 -13.73 0.60
C GLY A 13 1.83 -14.90 -0.35
N VAL A 14 1.76 -16.10 0.20
CA VAL A 14 1.49 -17.30 -0.59
C VAL A 14 0.02 -17.37 -0.96
N LEU A 15 -0.86 -17.26 0.04
CA LEU A 15 -2.31 -17.32 -0.19
C LEU A 15 -2.69 -16.50 -1.40
N GLN A 16 -2.52 -15.18 -1.34
CA GLN A 16 -2.88 -14.34 -2.46
C GLN A 16 -2.34 -14.93 -3.77
N TYR A 17 -1.02 -15.18 -3.84
CA TYR A 17 -0.44 -15.75 -5.05
C TYR A 17 -1.17 -17.02 -5.45
N ASP A 18 -1.10 -18.04 -4.61
CA ASP A 18 -1.77 -19.31 -4.90
C ASP A 18 -3.28 -19.17 -4.77
N ALA A 19 -3.73 -19.07 -3.53
CA ALA A 19 -5.16 -18.92 -3.25
C ALA A 19 -5.66 -17.56 -3.73
N GLY A 20 -6.47 -17.57 -4.79
CA GLY A 20 -7.02 -16.34 -5.36
C GLY A 20 -8.15 -15.80 -4.51
N ASN A 21 -7.82 -15.38 -3.29
CA ASN A 21 -8.83 -14.85 -2.37
C ASN A 21 -8.26 -13.67 -1.59
N TYR A 22 -7.92 -12.62 -2.33
CA TYR A 22 -7.37 -11.41 -1.71
C TYR A 22 -8.14 -11.08 -0.41
N THR A 23 -9.44 -11.37 -0.41
CA THR A 23 -10.26 -11.12 0.75
C THR A 23 -9.76 -11.94 1.94
N GLU A 24 -9.48 -13.22 1.70
CA GLU A 24 -9.01 -14.10 2.78
C GLU A 24 -7.74 -13.53 3.41
N SER A 25 -6.81 -13.10 2.57
CA SER A 25 -5.55 -12.56 3.08
C SER A 25 -5.80 -11.50 4.15
N ILE A 26 -6.99 -10.90 4.12
CA ILE A 26 -7.33 -9.88 5.10
C ILE A 26 -7.29 -10.45 6.52
N ASP A 27 -7.80 -11.67 6.68
CA ASP A 27 -7.82 -12.28 7.98
C ASP A 27 -6.42 -12.41 8.53
N LEU A 28 -5.51 -12.89 7.70
CA LEU A 28 -4.13 -13.05 8.12
C LEU A 28 -3.47 -11.68 8.31
N PHE A 29 -3.72 -10.77 7.38
CA PHE A 29 -3.13 -9.43 7.46
C PHE A 29 -3.56 -8.75 8.75
N GLU A 30 -4.86 -8.76 9.03
CA GLU A 30 -5.37 -8.13 10.24
C GLU A 30 -4.64 -8.66 11.47
N LYS A 31 -4.34 -9.96 11.48
CA LYS A 31 -3.65 -10.56 12.60
C LYS A 31 -2.22 -10.03 12.70
N ALA A 32 -1.53 -9.99 11.56
CA ALA A 32 -0.15 -9.50 11.54
C ALA A 32 -0.04 -8.13 12.21
N ILE A 33 -0.90 -7.21 11.78
CA ILE A 33 -0.91 -5.88 12.36
C ILE A 33 -1.32 -5.93 13.84
N GLN A 34 -2.31 -6.76 14.15
CA GLN A 34 -2.80 -6.88 15.52
C GLN A 34 -1.65 -7.19 16.48
N LEU A 35 -0.68 -7.94 15.98
CA LEU A 35 0.47 -8.29 16.80
C LEU A 35 1.23 -7.06 17.23
N ASP A 36 1.54 -6.17 16.28
CA ASP A 36 2.26 -4.96 16.61
C ASP A 36 2.31 -4.03 15.37
N PRO A 37 1.67 -2.90 15.41
CA PRO A 37 1.70 -1.96 14.25
C PRO A 37 2.94 -1.08 14.27
N GLU A 38 3.70 -1.11 13.19
CA GLU A 38 4.94 -0.31 13.07
C GLU A 38 5.65 -0.63 11.75
N GLU A 39 5.18 -1.64 11.02
CA GLU A 39 5.77 -2.03 9.75
C GLU A 39 5.01 -1.41 8.59
N SER A 40 5.62 -0.42 7.94
CA SER A 40 5.00 0.25 6.81
C SER A 40 4.85 -0.69 5.62
N LYS A 41 5.92 -1.41 5.30
CA LYS A 41 5.92 -2.35 4.17
C LYS A 41 4.67 -3.22 4.21
N TYR A 42 4.13 -3.46 5.41
CA TYR A 42 2.92 -4.26 5.57
C TYR A 42 1.68 -3.46 5.18
N TRP A 43 1.72 -2.16 5.43
CA TRP A 43 0.59 -1.30 5.10
C TRP A 43 0.52 -1.09 3.60
N LEU A 44 1.68 -1.02 2.96
CA LEU A 44 1.73 -0.81 1.52
C LEU A 44 0.96 -1.91 0.81
N MET A 45 1.10 -3.13 1.29
CA MET A 45 0.41 -4.26 0.67
C MET A 45 -1.10 -4.09 0.77
N LYS A 46 -1.53 -3.59 1.91
CA LYS A 46 -2.96 -3.40 2.14
C LYS A 46 -3.55 -2.49 1.06
N GLY A 47 -2.86 -1.39 0.77
CA GLY A 47 -3.34 -0.45 -0.24
C GLY A 47 -3.62 -1.16 -1.56
N LYS A 48 -2.66 -1.95 -2.02
CA LYS A 48 -2.81 -2.67 -3.28
C LYS A 48 -4.03 -3.58 -3.22
N ALA A 49 -4.30 -4.14 -2.05
CA ALA A 49 -5.45 -5.04 -1.89
C ALA A 49 -6.75 -4.27 -2.01
N LEU A 50 -6.84 -3.18 -1.27
CA LEU A 50 -8.05 -2.37 -1.30
C LEU A 50 -8.28 -1.77 -2.69
N TYR A 51 -7.21 -1.22 -3.26
CA TYR A 51 -7.32 -0.62 -4.59
C TYR A 51 -7.80 -1.65 -5.60
N ASN A 52 -7.16 -2.82 -5.63
CA ASN A 52 -7.52 -3.86 -6.57
C ASN A 52 -8.95 -4.32 -6.31
N LEU A 53 -9.38 -4.20 -5.05
CA LEU A 53 -10.72 -4.61 -4.66
C LEU A 53 -11.75 -3.59 -5.10
N GLU A 54 -11.34 -2.65 -5.94
CA GLU A 54 -12.22 -1.61 -6.47
C GLU A 54 -12.48 -0.55 -5.40
N ARG A 55 -11.73 -0.60 -4.31
CA ARG A 55 -11.88 0.35 -3.20
C ARG A 55 -10.84 1.45 -3.32
N TYR A 56 -10.99 2.28 -4.35
CA TYR A 56 -10.07 3.38 -4.58
C TYR A 56 -10.08 4.33 -3.38
N GLU A 57 -11.26 4.59 -2.86
CA GLU A 57 -11.40 5.50 -1.72
C GLU A 57 -10.76 4.90 -0.47
N GLU A 58 -11.11 3.65 -0.18
CA GLU A 58 -10.56 2.98 0.99
C GLU A 58 -9.05 2.82 0.86
N ALA A 59 -8.59 2.44 -0.34
CA ALA A 59 -7.17 2.24 -0.57
C ALA A 59 -6.41 3.53 -0.24
N VAL A 60 -6.97 4.67 -0.63
CA VAL A 60 -6.34 5.95 -0.35
C VAL A 60 -6.17 6.13 1.15
N ASP A 61 -7.14 5.71 1.94
CA ASP A 61 -7.07 5.85 3.39
C ASP A 61 -5.80 5.23 3.93
N CYS A 62 -5.36 4.14 3.30
CA CYS A 62 -4.14 3.46 3.74
C CYS A 62 -2.90 4.29 3.37
N TYR A 63 -2.89 4.80 2.14
CA TYR A 63 -1.77 5.61 1.69
C TYR A 63 -1.57 6.81 2.61
N ASN A 64 -2.67 7.50 2.92
CA ASN A 64 -2.60 8.67 3.78
C ASN A 64 -2.20 8.26 5.20
N TYR A 65 -2.68 7.09 5.60
CA TYR A 65 -2.37 6.60 6.94
C TYR A 65 -0.85 6.43 7.11
N VAL A 66 -0.23 5.76 6.16
CA VAL A 66 1.22 5.54 6.20
C VAL A 66 1.96 6.88 6.22
N ILE A 67 1.38 7.90 5.59
CA ILE A 67 1.99 9.22 5.54
C ILE A 67 1.55 10.06 6.74
N ASN A 68 0.40 9.72 7.32
CA ASN A 68 -0.12 10.46 8.45
C ASN A 68 0.56 10.01 9.74
N VAL A 69 0.32 8.75 10.10
CA VAL A 69 0.91 8.22 11.32
C VAL A 69 2.43 8.27 11.24
N ILE A 70 2.99 7.84 10.12
CA ILE A 70 4.45 7.83 9.92
C ILE A 70 4.84 8.93 8.94
N GLU A 71 5.82 9.73 9.31
CA GLU A 71 6.30 10.83 8.47
C GLU A 71 7.18 10.29 7.35
N ASP A 72 7.00 9.02 7.00
CA ASP A 72 7.79 8.40 5.94
C ASP A 72 7.28 8.84 4.57
N GLU A 73 7.05 10.14 4.41
CA GLU A 73 6.57 10.69 3.15
C GLU A 73 7.70 10.79 2.14
N TYR A 74 8.06 9.65 1.55
CA TYR A 74 9.13 9.62 0.56
C TYR A 74 9.13 8.27 -0.17
N ASN A 75 8.56 7.25 0.45
CA ASN A 75 8.51 5.93 -0.15
C ASN A 75 7.99 6.01 -1.59
N LYS A 76 8.89 5.81 -2.55
CA LYS A 76 8.54 5.87 -3.95
C LYS A 76 7.47 4.83 -4.29
N ASP A 77 7.64 3.62 -3.75
CA ASP A 77 6.69 2.55 -4.00
C ASP A 77 5.29 2.95 -3.52
N VAL A 78 5.23 3.60 -2.37
CA VAL A 78 3.94 4.03 -1.82
C VAL A 78 3.27 5.04 -2.75
N TRP A 79 4.00 6.08 -3.14
CA TRP A 79 3.46 7.10 -4.03
C TRP A 79 2.97 6.46 -5.33
N ALA A 80 3.75 5.54 -5.88
CA ALA A 80 3.37 4.88 -7.12
C ALA A 80 2.06 4.11 -6.95
N ALA A 81 1.92 3.46 -5.80
CA ALA A 81 0.71 2.68 -5.52
C ALA A 81 -0.52 3.58 -5.58
N LYS A 82 -0.43 4.75 -4.95
CA LYS A 82 -1.56 5.68 -4.94
C LYS A 82 -1.95 6.04 -6.37
N ALA A 83 -0.97 6.33 -7.21
CA ALA A 83 -1.25 6.70 -8.60
C ALA A 83 -2.19 5.68 -9.25
N ASP A 84 -1.86 4.41 -9.10
CA ASP A 84 -2.69 3.35 -9.66
C ASP A 84 -4.12 3.46 -9.14
N ALA A 85 -4.27 3.88 -7.88
CA ALA A 85 -5.60 4.03 -7.29
C ALA A 85 -6.37 5.15 -7.98
N LEU A 86 -5.70 6.29 -8.16
CA LEU A 86 -6.32 7.45 -8.80
C LEU A 86 -6.63 7.15 -10.26
N ARG A 87 -5.76 6.37 -10.90
CA ARG A 87 -5.96 6.03 -12.30
C ARG A 87 -7.35 5.46 -12.53
N TYR A 88 -8.07 5.18 -11.44
CA TYR A 88 -9.42 4.63 -11.51
C TYR A 88 -10.29 5.19 -10.39
N ILE A 89 -10.50 6.51 -10.40
CA ILE A 89 -11.32 7.19 -9.40
C ILE A 89 -12.35 8.08 -10.06
N GLU A 90 -13.56 8.12 -9.49
CA GLU A 90 -14.63 8.94 -10.05
C GLU A 90 -14.50 10.38 -9.55
N GLY A 91 -13.85 11.23 -10.34
CA GLY A 91 -13.65 12.62 -9.98
C GLY A 91 -12.71 13.32 -10.96
N LYS A 92 -11.78 14.08 -10.43
CA LYS A 92 -10.82 14.80 -11.27
C LYS A 92 -9.81 13.81 -11.87
N GLU A 93 -9.39 14.08 -13.11
CA GLU A 93 -8.43 13.22 -13.80
C GLU A 93 -7.02 13.78 -13.69
N VAL A 94 -6.93 15.10 -13.49
CA VAL A 94 -5.64 15.76 -13.36
C VAL A 94 -4.88 15.23 -12.14
N GLU A 95 -5.61 14.67 -11.18
CA GLU A 95 -4.99 14.14 -9.97
C GLU A 95 -4.11 12.94 -10.31
N ALA A 96 -4.64 11.99 -11.07
CA ALA A 96 -3.88 10.81 -11.45
C ALA A 96 -2.60 11.19 -12.18
N GLU A 97 -2.66 12.27 -12.95
CA GLU A 97 -1.49 12.73 -13.69
C GLU A 97 -0.41 13.23 -12.73
N ILE A 98 -0.79 14.04 -11.77
CA ILE A 98 0.15 14.59 -10.79
C ILE A 98 0.83 13.45 -10.03
N ALA A 99 0.05 12.43 -9.68
CA ALA A 99 0.62 11.29 -8.95
C ALA A 99 1.66 10.56 -9.78
N GLU A 100 1.29 10.25 -11.02
CA GLU A 100 2.22 9.55 -11.91
C GLU A 100 3.52 10.32 -12.04
N ALA A 101 3.42 11.64 -12.23
CA ALA A 101 4.61 12.48 -12.36
C ALA A 101 5.37 12.56 -11.04
N ARG A 102 4.64 12.69 -9.94
CA ARG A 102 5.25 12.77 -8.62
C ARG A 102 6.01 11.49 -8.29
N ALA A 103 5.43 10.36 -8.63
CA ALA A 103 6.07 9.07 -8.35
C ALA A 103 7.22 8.82 -9.31
N LYS A 104 7.01 9.17 -10.57
CA LYS A 104 8.03 8.99 -11.61
C LYS A 104 8.98 10.17 -11.65
N LEU A 105 8.98 10.96 -10.58
CA LEU A 105 9.84 12.13 -10.51
C LEU A 105 11.31 11.70 -10.57
N GLU A 106 11.63 10.61 -9.88
CA GLU A 106 13.00 10.09 -9.85
C GLU A 106 13.53 9.92 -11.27
N HIS A 107 12.64 9.61 -12.21
CA HIS A 107 13.03 9.40 -13.61
C HIS A 107 14.31 8.57 -13.69
N HIS A 108 14.95 8.58 -14.85
CA HIS A 108 16.18 7.82 -15.05
C HIS A 108 16.94 8.38 -16.25
N HIS A 109 18.25 8.11 -16.29
CA HIS A 109 19.09 8.59 -17.39
C HIS A 109 20.26 7.65 -17.62
N HIS A 110 20.51 7.31 -18.88
CA HIS A 110 21.61 6.41 -19.22
C HIS A 110 21.59 5.17 -18.33
N HIS A 111 20.79 4.18 -18.72
CA HIS A 111 20.68 2.95 -17.96
C HIS A 111 22.01 2.20 -17.94
N HIS A 112 22.64 2.13 -19.11
CA HIS A 112 23.92 1.43 -19.22
C HIS A 112 24.92 2.00 -18.22
N MET A 1 6.35 -20.59 23.98
CA MET A 1 6.43 -21.72 23.01
C MET A 1 5.82 -21.28 21.68
N VAL A 2 4.73 -20.52 21.75
CA VAL A 2 4.07 -20.03 20.55
C VAL A 2 4.99 -19.10 19.77
N ASP A 3 5.63 -18.17 20.48
CA ASP A 3 6.52 -17.21 19.85
C ASP A 3 5.88 -16.60 18.60
N GLN A 4 4.93 -15.70 18.81
CA GLN A 4 4.24 -15.05 17.70
C GLN A 4 5.27 -14.48 16.72
N ASN A 5 5.71 -13.25 16.98
CA ASN A 5 6.69 -12.59 16.14
C ASN A 5 6.26 -12.63 14.66
N PRO A 6 5.76 -11.55 14.11
CA PRO A 6 5.35 -11.52 12.68
C PRO A 6 6.45 -12.01 11.75
N GLU A 7 6.38 -11.62 10.48
CA GLU A 7 7.38 -12.03 9.48
C GLU A 7 6.93 -13.30 8.76
N GLU A 8 6.49 -14.29 9.53
CA GLU A 8 6.03 -15.55 8.97
C GLU A 8 4.66 -15.38 8.31
N TYR A 9 3.89 -14.44 8.82
CA TYR A 9 2.55 -14.16 8.30
C TYR A 9 2.63 -13.81 6.82
N TYR A 10 3.81 -13.45 6.33
CA TYR A 10 4.00 -13.10 4.94
C TYR A 10 3.41 -14.17 4.02
N LEU A 11 3.14 -15.34 4.58
CA LEU A 11 2.57 -16.45 3.80
C LEU A 11 1.39 -15.98 2.97
N GLU A 12 0.83 -14.85 3.41
CA GLU A 12 -0.32 -14.32 2.70
C GLU A 12 0.03 -13.99 1.26
N GLY A 13 1.08 -13.19 1.09
CA GLY A 13 1.53 -12.80 -0.25
C GLY A 13 1.36 -13.94 -1.24
N VAL A 14 1.47 -15.17 -0.75
CA VAL A 14 1.30 -16.34 -1.60
C VAL A 14 -0.17 -16.56 -1.93
N LEU A 15 -1.01 -16.66 -0.91
CA LEU A 15 -2.45 -16.89 -1.10
C LEU A 15 -2.97 -16.04 -2.26
N GLN A 16 -2.99 -14.72 -2.08
CA GLN A 16 -3.45 -13.83 -3.13
C GLN A 16 -2.76 -14.16 -4.45
N TYR A 17 -1.43 -14.23 -4.45
CA TYR A 17 -0.70 -14.53 -5.67
C TYR A 17 -1.22 -15.81 -6.32
N ASP A 18 -1.04 -16.94 -5.63
CA ASP A 18 -1.48 -18.21 -6.15
C ASP A 18 -2.97 -18.17 -6.43
N ALA A 19 -3.77 -18.12 -5.38
CA ALA A 19 -5.24 -18.06 -5.51
C ALA A 19 -5.73 -16.64 -5.25
N GLY A 20 -6.61 -16.48 -4.26
CA GLY A 20 -7.17 -15.17 -3.92
C GLY A 20 -7.18 -14.96 -2.40
N ASN A 21 -8.30 -15.30 -1.77
CA ASN A 21 -8.42 -15.15 -0.33
C ASN A 21 -8.11 -13.70 0.07
N TYR A 22 -8.56 -12.77 -0.75
CA TYR A 22 -8.31 -11.36 -0.47
C TYR A 22 -9.04 -10.95 0.80
N THR A 23 -10.34 -11.19 0.84
CA THR A 23 -11.14 -10.85 2.02
C THR A 23 -10.73 -11.70 3.22
N GLU A 24 -10.53 -12.99 2.99
CA GLU A 24 -10.14 -13.89 4.08
C GLU A 24 -8.78 -13.51 4.63
N SER A 25 -7.84 -13.21 3.73
CA SER A 25 -6.49 -12.83 4.15
C SER A 25 -6.54 -11.69 5.17
N ILE A 26 -7.60 -10.89 5.13
CA ILE A 26 -7.75 -9.77 6.06
C ILE A 26 -7.39 -10.20 7.48
N ASP A 27 -7.61 -11.48 7.77
CA ASP A 27 -7.31 -11.98 9.10
C ASP A 27 -5.80 -11.98 9.35
N LEU A 28 -5.07 -12.53 8.39
CA LEU A 28 -3.62 -12.59 8.53
C LEU A 28 -3.05 -11.21 8.81
N PHE A 29 -3.35 -10.24 7.95
CA PHE A 29 -2.83 -8.90 8.14
C PHE A 29 -3.32 -8.34 9.49
N GLU A 30 -4.60 -8.52 9.77
CA GLU A 30 -5.16 -8.02 11.02
C GLU A 30 -4.36 -8.53 12.21
N LYS A 31 -3.91 -9.78 12.14
CA LYS A 31 -3.13 -10.36 13.23
C LYS A 31 -1.75 -9.73 13.31
N ALA A 32 -1.12 -9.57 12.14
CA ALA A 32 0.22 -8.99 12.10
C ALA A 32 0.19 -7.53 12.54
N ILE A 33 -0.70 -6.76 11.93
CA ILE A 33 -0.84 -5.35 12.28
C ILE A 33 -1.15 -5.19 13.76
N GLN A 34 -1.87 -6.16 14.33
CA GLN A 34 -2.23 -6.11 15.74
C GLN A 34 -1.00 -6.30 16.62
N LEU A 35 -0.07 -7.11 16.12
CA LEU A 35 1.17 -7.37 16.86
C LEU A 35 2.07 -6.14 16.86
N ASP A 36 2.11 -5.45 15.73
CA ASP A 36 2.94 -4.25 15.62
C ASP A 36 2.49 -3.41 14.41
N PRO A 37 1.69 -2.40 14.61
CA PRO A 37 1.23 -1.54 13.48
C PRO A 37 2.26 -0.47 13.13
N GLU A 38 3.48 -0.90 12.82
CA GLU A 38 4.57 0.01 12.45
C GLU A 38 5.26 -0.48 11.18
N GLU A 39 5.00 -1.72 10.79
CA GLU A 39 5.61 -2.30 9.59
C GLU A 39 4.86 -1.85 8.34
N SER A 40 5.32 -0.76 7.72
CA SER A 40 4.69 -0.23 6.52
C SER A 40 4.56 -1.33 5.46
N LYS A 41 5.57 -2.18 5.34
CA LYS A 41 5.56 -3.27 4.36
C LYS A 41 4.26 -4.05 4.46
N TYR A 42 3.70 -4.18 5.67
CA TYR A 42 2.46 -4.91 5.88
C TYR A 42 1.26 -4.06 5.45
N TRP A 43 1.34 -2.77 5.74
CA TRP A 43 0.25 -1.86 5.38
C TRP A 43 0.22 -1.64 3.87
N LEU A 44 1.41 -1.59 3.27
CA LEU A 44 1.50 -1.37 1.83
C LEU A 44 0.70 -2.44 1.09
N MET A 45 0.79 -3.68 1.56
CA MET A 45 0.08 -4.76 0.90
C MET A 45 -1.42 -4.52 0.96
N LYS A 46 -1.88 -4.07 2.12
CA LYS A 46 -3.31 -3.82 2.30
C LYS A 46 -3.85 -2.92 1.18
N GLY A 47 -3.16 -1.82 0.91
CA GLY A 47 -3.59 -0.90 -0.14
C GLY A 47 -3.84 -1.63 -1.45
N LYS A 48 -2.88 -2.46 -1.85
CA LYS A 48 -3.02 -3.22 -3.09
C LYS A 48 -4.28 -4.09 -3.04
N ALA A 49 -4.57 -4.66 -1.87
CA ALA A 49 -5.75 -5.51 -1.75
C ALA A 49 -7.02 -4.72 -2.00
N LEU A 50 -7.14 -3.60 -1.30
CA LEU A 50 -8.32 -2.75 -1.46
C LEU A 50 -8.43 -2.26 -2.90
N TYR A 51 -7.31 -1.87 -3.49
CA TYR A 51 -7.32 -1.38 -4.85
C TYR A 51 -7.79 -2.47 -5.81
N ASN A 52 -7.19 -3.66 -5.69
CA ASN A 52 -7.56 -4.77 -6.56
C ASN A 52 -9.02 -5.11 -6.40
N LEU A 53 -9.56 -4.87 -5.21
CA LEU A 53 -10.98 -5.16 -4.93
C LEU A 53 -11.86 -4.05 -5.47
N GLU A 54 -11.28 -3.14 -6.25
CA GLU A 54 -12.03 -2.03 -6.85
C GLU A 54 -12.37 -0.99 -5.79
N ARG A 55 -11.57 -0.92 -4.73
CA ARG A 55 -11.79 0.02 -3.64
C ARG A 55 -10.72 1.12 -3.67
N TYR A 56 -10.76 1.92 -4.74
CA TYR A 56 -9.79 3.00 -4.89
C TYR A 56 -9.91 3.99 -3.73
N GLU A 57 -11.15 4.23 -3.31
CA GLU A 57 -11.39 5.16 -2.21
C GLU A 57 -10.78 4.64 -0.91
N GLU A 58 -11.12 3.41 -0.58
CA GLU A 58 -10.60 2.81 0.65
C GLU A 58 -9.11 2.55 0.53
N ALA A 59 -8.67 2.13 -0.66
CA ALA A 59 -7.27 1.86 -0.88
C ALA A 59 -6.41 3.04 -0.47
N VAL A 60 -6.90 4.24 -0.76
CA VAL A 60 -6.18 5.46 -0.40
C VAL A 60 -6.03 5.55 1.12
N ASP A 61 -7.01 5.05 1.86
CA ASP A 61 -6.96 5.10 3.32
C ASP A 61 -5.69 4.43 3.83
N CYS A 62 -5.31 3.34 3.19
CA CYS A 62 -4.09 2.63 3.60
C CYS A 62 -2.86 3.48 3.37
N TYR A 63 -2.73 4.01 2.15
CA TYR A 63 -1.59 4.85 1.83
C TYR A 63 -1.56 6.09 2.71
N ASN A 64 -2.72 6.72 2.88
CA ASN A 64 -2.79 7.92 3.71
C ASN A 64 -2.38 7.60 5.15
N TYR A 65 -2.82 6.44 5.62
CA TYR A 65 -2.48 6.03 6.97
C TYR A 65 -0.96 5.91 7.13
N VAL A 66 -0.32 5.27 6.14
CA VAL A 66 1.13 5.09 6.19
C VAL A 66 1.83 6.44 6.08
N ILE A 67 1.38 7.29 5.15
CA ILE A 67 1.98 8.60 4.96
C ILE A 67 1.71 9.50 6.16
N ASN A 68 0.50 9.39 6.72
CA ASN A 68 0.11 10.20 7.86
C ASN A 68 0.78 9.70 9.14
N VAL A 69 0.34 8.53 9.58
CA VAL A 69 0.90 7.95 10.80
C VAL A 69 2.42 7.98 10.76
N ILE A 70 3.01 7.56 9.64
CA ILE A 70 4.46 7.55 9.49
C ILE A 70 4.89 8.70 8.57
N GLU A 71 5.66 9.63 9.11
CA GLU A 71 6.15 10.77 8.35
C GLU A 71 7.16 10.33 7.30
N ASP A 72 7.08 9.08 6.86
CA ASP A 72 8.00 8.54 5.87
C ASP A 72 8.06 9.45 4.66
N GLU A 73 6.90 9.75 4.08
CA GLU A 73 6.82 10.62 2.90
C GLU A 73 8.07 10.49 2.02
N TYR A 74 8.44 9.24 1.73
CA TYR A 74 9.62 8.98 0.92
C TYR A 74 9.61 7.54 0.42
N ASN A 75 8.42 6.94 0.36
CA ASN A 75 8.28 5.56 -0.10
C ASN A 75 7.79 5.55 -1.54
N LYS A 76 8.69 5.23 -2.46
CA LYS A 76 8.36 5.17 -3.89
C LYS A 76 7.29 4.11 -4.15
N ASP A 77 7.39 3.00 -3.42
CA ASP A 77 6.42 1.92 -3.58
C ASP A 77 5.01 2.38 -3.21
N VAL A 78 4.90 3.07 -2.08
CA VAL A 78 3.60 3.57 -1.63
C VAL A 78 3.06 4.61 -2.61
N TRP A 79 3.91 5.55 -3.01
CA TRP A 79 3.49 6.60 -3.93
C TRP A 79 3.01 5.99 -5.23
N ALA A 80 3.78 5.07 -5.80
CA ALA A 80 3.41 4.42 -7.05
C ALA A 80 2.06 3.72 -6.91
N ALA A 81 1.86 3.05 -5.78
CA ALA A 81 0.61 2.34 -5.53
C ALA A 81 -0.56 3.31 -5.47
N LYS A 82 -0.40 4.39 -4.73
CA LYS A 82 -1.44 5.39 -4.60
C LYS A 82 -1.80 5.96 -5.96
N ALA A 83 -0.79 6.25 -6.78
CA ALA A 83 -1.05 6.80 -8.11
C ALA A 83 -2.06 5.94 -8.87
N ASP A 84 -1.81 4.64 -8.91
CA ASP A 84 -2.72 3.72 -9.61
C ASP A 84 -4.15 3.94 -9.13
N ALA A 85 -4.32 4.23 -7.84
CA ALA A 85 -5.65 4.46 -7.29
C ALA A 85 -6.27 5.72 -7.90
N LEU A 86 -5.47 6.77 -8.03
CA LEU A 86 -5.94 8.03 -8.59
C LEU A 86 -6.12 7.90 -10.10
N ARG A 87 -5.35 7.01 -10.71
CA ARG A 87 -5.44 6.82 -12.15
C ARG A 87 -6.78 6.21 -12.53
N TYR A 88 -7.49 5.70 -11.53
CA TYR A 88 -8.80 5.07 -11.76
C TYR A 88 -9.79 5.48 -10.65
N ILE A 89 -10.05 6.77 -10.53
CA ILE A 89 -10.98 7.30 -9.52
C ILE A 89 -12.00 8.22 -10.18
N GLU A 90 -13.23 8.20 -9.66
CA GLU A 90 -14.30 9.03 -10.21
C GLU A 90 -14.04 10.50 -9.90
N GLY A 91 -13.37 11.19 -10.80
CA GLY A 91 -13.05 12.62 -10.62
C GLY A 91 -12.20 13.13 -11.77
N LYS A 92 -11.41 14.16 -11.50
CA LYS A 92 -10.56 14.75 -12.52
C LYS A 92 -9.39 13.81 -12.84
N GLU A 93 -8.89 13.90 -14.06
CA GLU A 93 -7.77 13.05 -14.49
C GLU A 93 -6.44 13.73 -14.17
N VAL A 94 -6.49 15.03 -13.87
CA VAL A 94 -5.28 15.78 -13.56
C VAL A 94 -4.63 15.23 -12.29
N GLU A 95 -5.45 14.79 -11.34
CA GLU A 95 -4.94 14.26 -10.08
C GLU A 95 -3.90 13.17 -10.35
N ALA A 96 -4.26 12.19 -11.17
CA ALA A 96 -3.35 11.11 -11.50
C ALA A 96 -2.03 11.66 -12.04
N GLU A 97 -2.07 12.86 -12.60
CA GLU A 97 -0.86 13.46 -13.17
C GLU A 97 0.13 13.80 -12.06
N ILE A 98 -0.34 14.48 -11.01
CA ILE A 98 0.51 14.85 -9.90
C ILE A 98 1.13 13.60 -9.28
N ALA A 99 0.33 12.57 -9.08
CA ALA A 99 0.83 11.34 -8.48
C ALA A 99 1.84 10.66 -9.40
N GLU A 100 1.44 10.50 -10.66
CA GLU A 100 2.32 9.86 -11.63
C GLU A 100 3.65 10.59 -11.72
N ALA A 101 3.59 11.91 -11.80
CA ALA A 101 4.81 12.72 -11.88
C ALA A 101 5.56 12.71 -10.55
N ARG A 102 4.83 12.92 -9.46
CA ARG A 102 5.43 12.94 -8.12
C ARG A 102 6.10 11.61 -7.83
N ALA A 103 5.45 10.51 -8.20
CA ALA A 103 6.01 9.19 -7.95
C ALA A 103 7.41 9.06 -8.56
N LYS A 104 7.54 9.47 -9.82
CA LYS A 104 8.82 9.39 -10.51
C LYS A 104 9.74 10.55 -10.11
N LEU A 105 9.18 11.76 -10.12
CA LEU A 105 9.94 12.95 -9.76
C LEU A 105 11.25 13.00 -10.56
N GLU A 106 12.08 13.99 -10.25
CA GLU A 106 13.36 14.14 -10.92
C GLU A 106 14.25 12.94 -10.67
N HIS A 107 14.86 12.41 -11.72
CA HIS A 107 15.75 11.26 -11.61
C HIS A 107 16.44 11.01 -12.95
N HIS A 108 15.66 10.67 -13.97
CA HIS A 108 16.21 10.39 -15.29
C HIS A 108 17.35 9.38 -15.18
N HIS A 109 18.58 9.89 -15.16
CA HIS A 109 19.76 9.03 -15.07
C HIS A 109 19.64 7.83 -16.00
N HIS A 110 19.07 6.74 -15.50
CA HIS A 110 18.89 5.54 -16.30
C HIS A 110 17.70 4.73 -15.80
N HIS A 111 17.03 4.04 -16.72
CA HIS A 111 15.87 3.22 -16.37
C HIS A 111 16.31 1.82 -15.98
N HIS A 112 17.57 1.50 -16.25
CA HIS A 112 18.10 0.18 -15.90
C HIS A 112 17.26 -0.91 -16.54
N MET A 1 3.76 -15.98 25.11
CA MET A 1 4.92 -15.60 24.26
C MET A 1 4.43 -14.77 23.08
N VAL A 2 4.56 -13.45 23.20
CA VAL A 2 4.11 -12.55 22.14
C VAL A 2 5.10 -12.57 20.98
N ASP A 3 4.57 -12.54 19.75
CA ASP A 3 5.41 -12.55 18.57
C ASP A 3 6.01 -11.17 18.31
N GLN A 4 7.30 -11.04 18.60
CA GLN A 4 8.00 -9.77 18.40
C GLN A 4 8.13 -9.48 16.91
N ASN A 5 8.26 -10.54 16.12
CA ASN A 5 8.39 -10.38 14.66
C ASN A 5 7.50 -11.37 13.90
N PRO A 6 6.26 -11.04 13.69
CA PRO A 6 5.32 -11.92 12.94
C PRO A 6 5.72 -12.09 11.47
N GLU A 7 7.02 -12.30 11.22
CA GLU A 7 7.51 -12.48 9.87
C GLU A 7 6.96 -13.76 9.26
N GLU A 8 6.52 -14.68 10.11
CA GLU A 8 5.95 -15.95 9.64
C GLU A 8 4.57 -15.72 9.01
N TYR A 9 3.82 -14.77 9.55
CA TYR A 9 2.50 -14.45 9.03
C TYR A 9 2.57 -14.07 7.56
N TYR A 10 3.77 -13.79 7.06
CA TYR A 10 3.96 -13.42 5.66
C TYR A 10 3.37 -14.47 4.74
N LEU A 11 3.10 -15.66 5.28
CA LEU A 11 2.54 -16.76 4.49
C LEU A 11 1.48 -16.26 3.52
N GLU A 12 0.93 -15.10 3.86
CA GLU A 12 -0.09 -14.50 3.02
C GLU A 12 0.41 -14.36 1.58
N GLY A 13 1.58 -13.77 1.45
CA GLY A 13 2.18 -13.57 0.12
C GLY A 13 1.85 -14.74 -0.81
N VAL A 14 1.93 -15.95 -0.27
CA VAL A 14 1.62 -17.14 -1.06
C VAL A 14 0.14 -17.22 -1.35
N LEU A 15 -0.70 -17.20 -0.31
CA LEU A 15 -2.14 -17.28 -0.48
C LEU A 15 -2.59 -16.41 -1.64
N GLN A 16 -2.48 -15.09 -1.49
CA GLN A 16 -2.89 -14.18 -2.57
C GLN A 16 -2.38 -14.69 -3.92
N TYR A 17 -1.08 -14.94 -4.03
CA TYR A 17 -0.52 -15.44 -5.29
C TYR A 17 -1.30 -16.66 -5.79
N ASP A 18 -1.26 -17.75 -5.03
CA ASP A 18 -1.98 -18.96 -5.42
C ASP A 18 -3.47 -18.82 -5.12
N ALA A 19 -3.81 -18.91 -3.84
CA ALA A 19 -5.20 -18.79 -3.40
C ALA A 19 -5.68 -17.33 -3.48
N GLY A 20 -6.45 -17.02 -4.52
CA GLY A 20 -6.97 -15.67 -4.72
C GLY A 20 -8.02 -15.32 -3.68
N ASN A 21 -7.62 -15.37 -2.41
CA ASN A 21 -8.54 -15.07 -1.32
C ASN A 21 -8.11 -13.79 -0.60
N TYR A 22 -8.08 -12.70 -1.36
CA TYR A 22 -7.68 -11.42 -0.79
C TYR A 22 -8.37 -11.20 0.55
N THR A 23 -9.64 -11.57 0.62
CA THR A 23 -10.41 -11.40 1.87
C THR A 23 -9.70 -12.14 3.01
N GLU A 24 -9.32 -13.38 2.79
CA GLU A 24 -8.64 -14.14 3.84
C GLU A 24 -7.42 -13.40 4.34
N SER A 25 -6.68 -12.77 3.43
CA SER A 25 -5.47 -12.05 3.82
C SER A 25 -5.77 -11.09 4.98
N ILE A 26 -6.97 -10.54 5.02
CA ILE A 26 -7.37 -9.61 6.08
C ILE A 26 -7.22 -10.30 7.44
N ASP A 27 -7.63 -11.57 7.51
CA ASP A 27 -7.55 -12.29 8.76
C ASP A 27 -6.11 -12.37 9.25
N LEU A 28 -5.23 -12.78 8.34
CA LEU A 28 -3.82 -12.91 8.70
C LEU A 28 -3.22 -11.54 9.03
N PHE A 29 -3.51 -10.55 8.20
CA PHE A 29 -2.99 -9.21 8.45
C PHE A 29 -3.47 -8.71 9.80
N GLU A 30 -4.74 -8.88 10.09
CA GLU A 30 -5.30 -8.41 11.36
C GLU A 30 -4.46 -8.92 12.53
N LYS A 31 -4.02 -10.17 12.43
CA LYS A 31 -3.22 -10.76 13.49
C LYS A 31 -1.84 -10.09 13.57
N ALA A 32 -1.24 -9.87 12.41
CA ALA A 32 0.09 -9.25 12.36
C ALA A 32 -0.01 -7.77 12.71
N ILE A 33 -0.85 -7.05 11.98
CA ILE A 33 -1.03 -5.63 12.23
C ILE A 33 -1.40 -5.39 13.69
N GLN A 34 -2.16 -6.29 14.28
CA GLN A 34 -2.57 -6.16 15.68
C GLN A 34 -1.42 -6.51 16.61
N LEU A 35 -0.60 -7.47 16.17
CA LEU A 35 0.54 -7.88 16.98
C LEU A 35 1.55 -6.74 17.13
N ASP A 36 1.81 -6.04 16.02
CA ASP A 36 2.75 -4.94 16.04
C ASP A 36 2.70 -4.16 14.72
N PRO A 37 1.93 -3.11 14.65
CA PRO A 37 1.82 -2.30 13.40
C PRO A 37 2.89 -1.21 13.35
N GLU A 38 3.93 -1.42 12.55
CA GLU A 38 5.02 -0.46 12.40
C GLU A 38 5.87 -0.80 11.18
N GLU A 39 5.23 -1.12 10.06
CA GLU A 39 5.93 -1.48 8.83
C GLU A 39 5.02 -1.26 7.62
N SER A 40 5.20 -0.13 6.94
CA SER A 40 4.39 0.19 5.76
C SER A 40 4.34 -1.01 4.81
N LYS A 41 5.35 -1.87 4.87
CA LYS A 41 5.40 -3.05 4.01
C LYS A 41 4.09 -3.82 4.08
N TYR A 42 3.52 -3.98 5.28
CA TYR A 42 2.28 -4.71 5.46
C TYR A 42 1.10 -3.79 5.16
N TRP A 43 1.23 -2.53 5.53
CA TRP A 43 0.15 -1.56 5.32
C TRP A 43 0.02 -1.26 3.83
N LEU A 44 1.14 -1.29 3.14
CA LEU A 44 1.14 -1.01 1.71
C LEU A 44 0.36 -2.10 0.98
N MET A 45 0.51 -3.34 1.43
CA MET A 45 -0.16 -4.44 0.76
C MET A 45 -1.68 -4.25 0.82
N LYS A 46 -2.15 -3.85 1.99
CA LYS A 46 -3.59 -3.64 2.16
C LYS A 46 -4.14 -2.76 1.05
N GLY A 47 -3.48 -1.62 0.81
CA GLY A 47 -3.94 -0.70 -0.23
C GLY A 47 -4.15 -1.43 -1.55
N LYS A 48 -3.16 -2.22 -1.95
CA LYS A 48 -3.26 -2.95 -3.21
C LYS A 48 -4.49 -3.86 -3.20
N ALA A 49 -4.78 -4.47 -2.06
CA ALA A 49 -5.94 -5.35 -1.95
C ALA A 49 -7.23 -4.58 -2.18
N LEU A 50 -7.37 -3.47 -1.46
CA LEU A 50 -8.56 -2.65 -1.59
C LEU A 50 -8.70 -2.11 -3.02
N TYR A 51 -7.59 -1.66 -3.59
CA TYR A 51 -7.61 -1.13 -4.94
C TYR A 51 -8.09 -2.20 -5.91
N ASN A 52 -7.49 -3.39 -5.85
CA ASN A 52 -7.87 -4.47 -6.74
C ASN A 52 -9.33 -4.84 -6.56
N LEU A 53 -9.83 -4.64 -5.34
CA LEU A 53 -11.22 -4.97 -5.02
C LEU A 53 -12.15 -3.91 -5.58
N GLU A 54 -11.60 -2.94 -6.31
CA GLU A 54 -12.38 -1.86 -6.92
C GLU A 54 -12.71 -0.80 -5.87
N ARG A 55 -11.88 -0.68 -4.85
CA ARG A 55 -12.08 0.30 -3.79
C ARG A 55 -10.99 1.36 -3.85
N TYR A 56 -11.01 2.16 -4.91
CA TYR A 56 -10.01 3.21 -5.08
C TYR A 56 -10.07 4.19 -3.90
N GLU A 57 -11.28 4.48 -3.45
CA GLU A 57 -11.45 5.41 -2.33
C GLU A 57 -10.87 4.80 -1.04
N GLU A 58 -11.27 3.57 -0.75
CA GLU A 58 -10.79 2.90 0.45
C GLU A 58 -9.29 2.64 0.35
N ALA A 59 -8.85 2.23 -0.83
CA ALA A 59 -7.44 1.93 -1.04
C ALA A 59 -6.57 3.12 -0.63
N VAL A 60 -7.06 4.32 -0.90
CA VAL A 60 -6.35 5.54 -0.54
C VAL A 60 -6.18 5.61 0.97
N ASP A 61 -7.13 5.07 1.73
CA ASP A 61 -7.07 5.11 3.17
C ASP A 61 -5.81 4.41 3.68
N CYS A 62 -5.43 3.34 3.01
CA CYS A 62 -4.23 2.60 3.40
C CYS A 62 -2.98 3.45 3.18
N TYR A 63 -2.85 3.99 1.98
CA TYR A 63 -1.70 4.82 1.66
C TYR A 63 -1.68 6.07 2.53
N ASN A 64 -2.85 6.69 2.69
CA ASN A 64 -2.94 7.91 3.49
C ASN A 64 -2.51 7.62 4.93
N TYR A 65 -2.94 6.47 5.44
CA TYR A 65 -2.57 6.09 6.80
C TYR A 65 -1.06 6.01 6.94
N VAL A 66 -0.40 5.46 5.93
CA VAL A 66 1.07 5.33 5.97
C VAL A 66 1.72 6.71 5.86
N ILE A 67 1.24 7.53 4.94
CA ILE A 67 1.79 8.87 4.74
C ILE A 67 1.52 9.73 5.96
N ASN A 68 0.33 9.60 6.53
CA ASN A 68 -0.04 10.38 7.70
C ASN A 68 0.66 9.86 8.95
N VAL A 69 0.31 8.64 9.33
CA VAL A 69 0.91 8.05 10.52
C VAL A 69 2.42 8.07 10.42
N ILE A 70 2.96 7.67 9.27
CA ILE A 70 4.41 7.65 9.05
C ILE A 70 4.79 8.69 8.00
N GLU A 71 5.75 9.54 8.33
CA GLU A 71 6.21 10.59 7.42
C GLU A 71 7.13 9.99 6.35
N ASP A 72 7.08 8.68 6.18
CA ASP A 72 7.91 7.99 5.20
C ASP A 72 7.33 8.17 3.79
N GLU A 73 6.86 9.38 3.49
CA GLU A 73 6.28 9.67 2.19
C GLU A 73 7.31 9.43 1.08
N TYR A 74 8.59 9.48 1.43
CA TYR A 74 9.64 9.26 0.46
C TYR A 74 9.43 7.92 -0.23
N ASN A 75 8.83 6.96 0.47
CA ASN A 75 8.58 5.64 -0.07
C ASN A 75 8.00 5.75 -1.49
N LYS A 76 8.82 5.43 -2.48
CA LYS A 76 8.40 5.49 -3.88
C LYS A 76 7.32 4.45 -4.16
N ASP A 77 7.41 3.32 -3.48
CA ASP A 77 6.44 2.25 -3.67
C ASP A 77 5.03 2.73 -3.30
N VAL A 78 4.93 3.46 -2.18
CA VAL A 78 3.64 3.96 -1.74
C VAL A 78 3.09 4.99 -2.74
N TRP A 79 3.94 5.89 -3.20
CA TRP A 79 3.52 6.91 -4.16
C TRP A 79 3.12 6.26 -5.48
N ALA A 80 3.98 5.39 -6.00
CA ALA A 80 3.69 4.71 -7.26
C ALA A 80 2.38 3.93 -7.17
N ALA A 81 2.23 3.16 -6.08
CA ALA A 81 1.02 2.36 -5.89
C ALA A 81 -0.20 3.26 -5.77
N LYS A 82 -0.08 4.31 -4.96
CA LYS A 82 -1.19 5.25 -4.75
C LYS A 82 -1.60 5.88 -6.08
N ALA A 83 -0.61 6.14 -6.94
CA ALA A 83 -0.89 6.75 -8.24
C ALA A 83 -1.88 5.91 -9.02
N ASP A 84 -1.60 4.60 -9.12
CA ASP A 84 -2.47 3.70 -9.85
C ASP A 84 -3.92 3.85 -9.38
N ALA A 85 -4.10 3.99 -8.06
CA ALA A 85 -5.43 4.16 -7.50
C ALA A 85 -6.04 5.49 -7.93
N LEU A 86 -5.20 6.53 -7.96
CA LEU A 86 -5.65 7.86 -8.35
C LEU A 86 -5.98 7.90 -9.84
N ARG A 87 -5.25 7.10 -10.61
CA ARG A 87 -5.46 7.07 -12.05
C ARG A 87 -6.90 6.69 -12.38
N TYR A 88 -7.46 5.76 -11.60
CA TYR A 88 -8.84 5.31 -11.81
C TYR A 88 -9.72 5.74 -10.65
N ILE A 89 -10.06 7.03 -10.62
CA ILE A 89 -10.91 7.60 -9.56
C ILE A 89 -12.05 8.39 -10.18
N GLU A 90 -13.03 8.76 -9.34
CA GLU A 90 -14.18 9.53 -9.81
C GLU A 90 -13.74 10.66 -10.73
N GLY A 91 -12.78 11.46 -10.28
CA GLY A 91 -12.27 12.57 -11.09
C GLY A 91 -10.77 12.72 -10.91
N LYS A 92 -10.02 12.50 -12.00
CA LYS A 92 -8.57 12.62 -11.95
C LYS A 92 -8.16 14.09 -11.96
N GLU A 93 -8.81 14.89 -12.79
CA GLU A 93 -8.51 16.31 -12.89
C GLU A 93 -7.01 16.53 -13.04
N VAL A 94 -6.35 16.72 -11.90
CA VAL A 94 -4.90 16.94 -11.90
C VAL A 94 -4.24 16.09 -10.81
N GLU A 95 -5.05 15.50 -9.92
CA GLU A 95 -4.52 14.70 -8.84
C GLU A 95 -3.68 13.55 -9.39
N ALA A 96 -4.26 12.78 -10.31
CA ALA A 96 -3.55 11.66 -10.91
C ALA A 96 -2.27 12.13 -11.59
N GLU A 97 -2.33 13.29 -12.26
CA GLU A 97 -1.16 13.81 -12.95
C GLU A 97 -0.03 14.08 -11.97
N ILE A 98 -0.32 14.81 -10.90
CA ILE A 98 0.69 15.12 -9.90
C ILE A 98 1.25 13.83 -9.30
N ALA A 99 0.39 12.85 -9.06
CA ALA A 99 0.83 11.59 -8.48
C ALA A 99 1.81 10.89 -9.41
N GLU A 100 1.40 10.70 -10.66
CA GLU A 100 2.24 10.03 -11.64
C GLU A 100 3.60 10.73 -11.72
N ALA A 101 3.58 12.06 -11.76
CA ALA A 101 4.82 12.83 -11.85
C ALA A 101 5.63 12.69 -10.56
N ARG A 102 4.97 12.88 -9.43
CA ARG A 102 5.65 12.78 -8.13
C ARG A 102 6.29 11.41 -7.96
N ALA A 103 5.59 10.35 -8.39
CA ALA A 103 6.11 9.01 -8.26
C ALA A 103 7.32 8.80 -9.16
N LYS A 104 7.28 9.41 -10.34
CA LYS A 104 8.37 9.31 -11.31
C LYS A 104 9.41 10.40 -11.08
N LEU A 105 9.31 11.07 -9.93
CA LEU A 105 10.25 12.15 -9.62
C LEU A 105 11.45 11.58 -8.86
N GLU A 106 12.60 11.62 -9.51
CA GLU A 106 13.85 11.11 -8.92
C GLU A 106 14.70 12.27 -8.42
N HIS A 107 15.62 11.98 -7.51
CA HIS A 107 16.51 13.01 -6.96
C HIS A 107 17.92 12.44 -6.77
N HIS A 108 18.27 11.44 -7.57
CA HIS A 108 19.58 10.82 -7.49
C HIS A 108 19.83 9.95 -8.72
N HIS A 109 20.94 10.21 -9.41
CA HIS A 109 21.28 9.44 -10.60
C HIS A 109 22.60 9.93 -11.19
N HIS A 110 23.26 10.85 -10.49
CA HIS A 110 24.52 11.39 -10.95
C HIS A 110 25.65 10.40 -10.69
N HIS A 111 25.40 9.13 -10.96
CA HIS A 111 26.40 8.08 -10.74
C HIS A 111 26.88 8.11 -9.30
N HIS A 112 27.54 7.02 -8.89
CA HIS A 112 28.04 6.91 -7.53
C HIS A 112 29.31 7.76 -7.36
N MET A 1 11.09 -19.69 20.32
CA MET A 1 10.34 -18.74 21.21
C MET A 1 10.17 -17.40 20.49
N VAL A 2 10.23 -17.45 19.17
CA VAL A 2 10.08 -16.23 18.36
C VAL A 2 8.61 -15.90 18.18
N ASP A 3 8.27 -14.62 18.34
CA ASP A 3 6.89 -14.17 18.19
C ASP A 3 6.83 -12.65 18.23
N GLN A 4 8.00 -12.01 18.32
CA GLN A 4 8.07 -10.56 18.37
C GLN A 4 7.82 -9.96 16.99
N ASN A 5 7.39 -10.83 16.07
CA ASN A 5 7.11 -10.36 14.71
C ASN A 5 6.27 -11.39 13.92
N PRO A 6 5.26 -10.97 13.20
CA PRO A 6 4.43 -11.92 12.41
C PRO A 6 5.19 -12.48 11.20
N GLU A 7 6.20 -13.31 11.44
CA GLU A 7 6.97 -13.91 10.36
C GLU A 7 6.31 -15.20 9.90
N GLU A 8 5.90 -16.03 10.85
CA GLU A 8 5.25 -17.30 10.52
C GLU A 8 4.04 -17.06 9.62
N TYR A 9 3.42 -15.89 9.72
CA TYR A 9 2.28 -15.56 8.88
C TYR A 9 2.57 -15.87 7.39
N TYR A 10 3.81 -16.24 7.06
CA TYR A 10 4.19 -16.56 5.68
C TYR A 10 3.30 -17.67 5.07
N LEU A 11 2.05 -17.34 4.75
CA LEU A 11 1.09 -18.30 4.19
C LEU A 11 0.51 -17.81 2.92
N GLU A 12 0.28 -16.51 2.95
CA GLU A 12 -0.37 -15.85 1.85
C GLU A 12 0.30 -16.20 0.56
N GLY A 13 1.63 -16.09 0.57
CA GLY A 13 2.44 -16.41 -0.61
C GLY A 13 1.78 -17.51 -1.44
N VAL A 14 1.51 -18.66 -0.82
CA VAL A 14 0.85 -19.75 -1.52
C VAL A 14 -0.56 -19.34 -1.93
N LEU A 15 -1.36 -18.91 -0.97
CA LEU A 15 -2.74 -18.51 -1.24
C LEU A 15 -2.83 -17.69 -2.51
N GLN A 16 -2.43 -16.42 -2.45
CA GLN A 16 -2.49 -15.55 -3.62
C GLN A 16 -1.99 -16.31 -4.86
N TYR A 17 -0.75 -16.77 -4.85
CA TYR A 17 -0.21 -17.52 -6.00
C TYR A 17 -1.23 -18.55 -6.50
N ASP A 18 -1.57 -19.52 -5.65
CA ASP A 18 -2.54 -20.55 -6.03
C ASP A 18 -3.92 -19.94 -6.18
N ALA A 19 -4.60 -19.75 -5.04
CA ALA A 19 -5.95 -19.17 -5.04
C ALA A 19 -5.90 -17.72 -4.56
N GLY A 20 -6.56 -16.83 -5.30
CA GLY A 20 -6.60 -15.40 -4.96
C GLY A 20 -6.57 -15.16 -3.45
N ASN A 21 -7.66 -15.49 -2.77
CA ASN A 21 -7.74 -15.32 -1.33
C ASN A 21 -7.29 -13.92 -0.93
N TYR A 22 -7.56 -12.96 -1.80
CA TYR A 22 -7.16 -11.60 -1.54
C TYR A 22 -7.87 -11.09 -0.28
N THR A 23 -9.18 -11.26 -0.25
CA THR A 23 -9.97 -10.82 0.89
C THR A 23 -9.60 -11.63 2.13
N GLU A 24 -9.53 -12.95 1.99
CA GLU A 24 -9.20 -13.83 3.10
C GLU A 24 -7.86 -13.42 3.73
N SER A 25 -6.92 -12.99 2.89
CA SER A 25 -5.61 -12.58 3.38
C SER A 25 -5.74 -11.36 4.30
N ILE A 26 -6.80 -10.58 4.12
CA ILE A 26 -7.01 -9.39 4.94
C ILE A 26 -7.05 -9.74 6.41
N ASP A 27 -7.62 -10.91 6.72
CA ASP A 27 -7.73 -11.33 8.09
C ASP A 27 -6.35 -11.58 8.67
N LEU A 28 -5.46 -12.08 7.82
CA LEU A 28 -4.10 -12.36 8.28
C LEU A 28 -3.31 -11.07 8.48
N PHE A 29 -3.37 -10.17 7.51
CA PHE A 29 -2.66 -8.91 7.62
C PHE A 29 -3.16 -8.12 8.84
N GLU A 30 -4.48 -8.10 9.02
CA GLU A 30 -5.06 -7.37 10.15
C GLU A 30 -4.45 -7.85 11.48
N LYS A 31 -4.18 -9.14 11.56
CA LYS A 31 -3.58 -9.71 12.78
C LYS A 31 -2.12 -9.30 12.91
N ALA A 32 -1.40 -9.31 11.80
CA ALA A 32 0.01 -8.94 11.82
C ALA A 32 0.19 -7.55 12.46
N ILE A 33 -0.65 -6.61 12.03
CA ILE A 33 -0.59 -5.25 12.55
C ILE A 33 -0.97 -5.23 14.04
N GLN A 34 -1.81 -6.18 14.45
CA GLN A 34 -2.26 -6.26 15.84
C GLN A 34 -1.10 -6.68 16.74
N LEU A 35 -0.23 -7.53 16.21
CA LEU A 35 0.92 -7.99 16.99
C LEU A 35 1.88 -6.85 17.26
N ASP A 36 2.22 -6.10 16.22
CA ASP A 36 3.13 -4.99 16.36
C ASP A 36 3.26 -4.20 15.04
N PRO A 37 2.80 -2.98 14.98
CA PRO A 37 2.91 -2.18 13.71
C PRO A 37 4.29 -1.50 13.57
N GLU A 38 4.32 -0.31 12.99
CA GLU A 38 5.57 0.44 12.80
C GLU A 38 6.36 -0.10 11.60
N GLU A 39 5.64 -0.59 10.59
CA GLU A 39 6.28 -1.15 9.39
C GLU A 39 5.40 -0.91 8.18
N SER A 40 5.59 0.23 7.50
CA SER A 40 4.79 0.55 6.34
C SER A 40 4.72 -0.62 5.37
N LYS A 41 5.78 -1.44 5.39
CA LYS A 41 5.85 -2.59 4.49
C LYS A 41 4.55 -3.38 4.50
N TYR A 42 3.94 -3.54 5.68
CA TYR A 42 2.69 -4.29 5.79
C TYR A 42 1.53 -3.43 5.33
N TRP A 43 1.65 -2.13 5.56
CA TRP A 43 0.58 -1.19 5.21
C TRP A 43 0.51 -1.02 3.69
N LEU A 44 1.69 -0.94 3.08
CA LEU A 44 1.76 -0.76 1.64
C LEU A 44 0.98 -1.86 0.95
N MET A 45 1.15 -3.09 1.42
CA MET A 45 0.46 -4.20 0.82
C MET A 45 -1.04 -4.07 0.98
N LYS A 46 -1.44 -3.73 2.20
CA LYS A 46 -2.86 -3.59 2.49
C LYS A 46 -3.51 -2.63 1.47
N GLY A 47 -2.91 -1.46 1.28
CA GLY A 47 -3.46 -0.47 0.36
C GLY A 47 -3.74 -1.10 -1.00
N LYS A 48 -2.75 -1.83 -1.53
CA LYS A 48 -2.91 -2.49 -2.82
C LYS A 48 -4.09 -3.46 -2.78
N ALA A 49 -4.30 -4.10 -1.64
CA ALA A 49 -5.40 -5.06 -1.52
C ALA A 49 -6.74 -4.37 -1.75
N LEU A 50 -6.94 -3.28 -1.01
CA LEU A 50 -8.18 -2.53 -1.12
C LEU A 50 -8.39 -2.02 -2.54
N TYR A 51 -7.29 -1.60 -3.18
CA TYR A 51 -7.39 -1.10 -4.55
C TYR A 51 -7.83 -2.23 -5.48
N ASN A 52 -7.17 -3.38 -5.39
CA ASN A 52 -7.50 -4.50 -6.25
C ASN A 52 -8.96 -4.92 -6.06
N LEU A 53 -9.47 -4.72 -4.86
CA LEU A 53 -10.86 -5.07 -4.54
C LEU A 53 -11.82 -4.01 -5.05
N GLU A 54 -11.31 -3.10 -5.88
CA GLU A 54 -12.13 -2.03 -6.48
C GLU A 54 -12.50 -1.00 -5.42
N ARG A 55 -11.67 -0.87 -4.39
CA ARG A 55 -11.92 0.07 -3.30
C ARG A 55 -10.89 1.21 -3.33
N TYR A 56 -10.94 1.99 -4.40
CA TYR A 56 -10.02 3.11 -4.56
C TYR A 56 -10.11 4.05 -3.36
N GLU A 57 -11.33 4.25 -2.87
CA GLU A 57 -11.54 5.12 -1.72
C GLU A 57 -10.87 4.57 -0.48
N GLU A 58 -11.16 3.30 -0.19
CA GLU A 58 -10.57 2.66 0.99
C GLU A 58 -9.06 2.55 0.86
N ALA A 59 -8.61 2.24 -0.35
CA ALA A 59 -7.18 2.10 -0.61
C ALA A 59 -6.45 3.39 -0.28
N VAL A 60 -7.04 4.52 -0.68
CA VAL A 60 -6.43 5.82 -0.40
C VAL A 60 -6.29 6.01 1.11
N ASP A 61 -7.29 5.61 1.88
CA ASP A 61 -7.24 5.76 3.32
C ASP A 61 -6.03 5.04 3.90
N CYS A 62 -5.66 3.91 3.30
CA CYS A 62 -4.51 3.15 3.77
C CYS A 62 -3.23 3.92 3.49
N TYR A 63 -3.03 4.31 2.24
CA TYR A 63 -1.83 5.05 1.88
C TYR A 63 -1.71 6.33 2.72
N ASN A 64 -2.82 7.03 2.90
CA ASN A 64 -2.81 8.25 3.68
C ASN A 64 -2.35 7.96 5.11
N TYR A 65 -2.73 6.79 5.61
CA TYR A 65 -2.35 6.40 6.96
C TYR A 65 -0.83 6.39 7.09
N VAL A 66 -0.15 5.86 6.08
CA VAL A 66 1.31 5.80 6.10
C VAL A 66 1.90 7.19 5.98
N ILE A 67 1.37 8.01 5.08
CA ILE A 67 1.87 9.37 4.89
C ILE A 67 1.62 10.21 6.14
N ASN A 68 0.44 10.04 6.73
CA ASN A 68 0.08 10.81 7.92
C ASN A 68 0.81 10.28 9.15
N VAL A 69 0.42 9.09 9.59
CA VAL A 69 1.04 8.49 10.77
C VAL A 69 2.56 8.56 10.68
N ILE A 70 3.12 8.18 9.55
CA ILE A 70 4.57 8.22 9.32
C ILE A 70 4.91 9.35 8.37
N GLU A 71 5.86 10.20 8.76
CA GLU A 71 6.29 11.32 7.93
C GLU A 71 6.94 10.83 6.63
N ASP A 72 6.56 9.63 6.19
CA ASP A 72 7.11 9.05 4.98
C ASP A 72 7.11 10.07 3.84
N GLU A 73 5.97 10.22 3.17
CA GLU A 73 5.82 11.16 2.05
C GLU A 73 7.09 11.20 1.20
N TYR A 74 7.69 10.03 1.00
CA TYR A 74 8.92 9.93 0.22
C TYR A 74 8.96 8.62 -0.54
N ASN A 75 8.62 7.52 0.14
CA ASN A 75 8.63 6.19 -0.47
C ASN A 75 7.98 6.24 -1.86
N LYS A 76 8.78 5.92 -2.87
CA LYS A 76 8.31 5.94 -4.24
C LYS A 76 7.29 4.84 -4.48
N ASP A 77 7.37 3.78 -3.67
CA ASP A 77 6.45 2.66 -3.80
C ASP A 77 5.05 3.07 -3.37
N VAL A 78 4.95 3.74 -2.22
CA VAL A 78 3.66 4.17 -1.71
C VAL A 78 3.04 5.19 -2.66
N TRP A 79 3.82 6.20 -3.06
CA TRP A 79 3.32 7.23 -3.97
C TRP A 79 2.90 6.61 -5.30
N ALA A 80 3.78 5.80 -5.88
CA ALA A 80 3.48 5.17 -7.16
C ALA A 80 2.21 4.33 -7.06
N ALA A 81 2.07 3.61 -5.95
CA ALA A 81 0.89 2.78 -5.75
C ALA A 81 -0.37 3.64 -5.62
N LYS A 82 -0.28 4.69 -4.82
CA LYS A 82 -1.41 5.59 -4.62
C LYS A 82 -1.85 6.21 -5.94
N ALA A 83 -0.88 6.60 -6.77
CA ALA A 83 -1.19 7.20 -8.06
C ALA A 83 -2.14 6.30 -8.86
N ASP A 84 -1.78 5.03 -8.99
CA ASP A 84 -2.62 4.08 -9.73
C ASP A 84 -4.08 4.19 -9.27
N ALA A 85 -4.28 4.30 -7.96
CA ALA A 85 -5.62 4.42 -7.41
C ALA A 85 -6.31 5.69 -7.90
N LEU A 86 -5.53 6.77 -7.98
CA LEU A 86 -6.05 8.06 -8.44
C LEU A 86 -6.23 8.05 -9.96
N ARG A 87 -5.47 7.18 -10.63
CA ARG A 87 -5.54 7.09 -12.09
C ARG A 87 -6.93 6.61 -12.52
N TYR A 88 -7.67 6.02 -11.58
CA TYR A 88 -9.01 5.51 -11.86
C TYR A 88 -9.94 5.77 -10.68
N ILE A 89 -10.31 7.02 -10.46
CA ILE A 89 -11.20 7.42 -9.36
C ILE A 89 -12.35 8.28 -9.89
N GLU A 90 -13.45 8.34 -9.14
CA GLU A 90 -14.61 9.12 -9.53
C GLU A 90 -14.20 10.57 -9.78
N GLY A 91 -14.76 11.19 -10.81
CA GLY A 91 -14.45 12.56 -11.15
C GLY A 91 -13.05 12.68 -11.73
N LYS A 92 -12.87 13.63 -12.63
CA LYS A 92 -11.56 13.87 -13.28
C LYS A 92 -11.07 15.27 -12.97
N GLU A 93 -10.23 15.39 -11.95
CA GLU A 93 -9.67 16.68 -11.53
C GLU A 93 -8.17 16.67 -11.66
N VAL A 94 -7.69 16.27 -12.83
CA VAL A 94 -6.25 16.20 -13.11
C VAL A 94 -5.47 15.79 -11.86
N GLU A 95 -6.11 14.98 -11.01
CA GLU A 95 -5.48 14.54 -9.76
C GLU A 95 -4.37 13.56 -10.06
N ALA A 96 -4.66 12.56 -10.90
CA ALA A 96 -3.67 11.55 -11.25
C ALA A 96 -2.37 12.21 -11.75
N GLU A 97 -2.49 13.45 -12.20
CA GLU A 97 -1.32 14.17 -12.70
C GLU A 97 -0.37 14.51 -11.55
N ILE A 98 -0.91 15.07 -10.48
CA ILE A 98 -0.10 15.44 -9.33
C ILE A 98 0.63 14.21 -8.78
N ALA A 99 -0.09 13.10 -8.66
CA ALA A 99 0.51 11.88 -8.14
C ALA A 99 1.55 11.33 -9.10
N GLU A 100 1.15 11.23 -10.37
CA GLU A 100 2.06 10.72 -11.38
C GLU A 100 3.37 11.50 -11.39
N ALA A 101 3.27 12.83 -11.33
CA ALA A 101 4.46 13.68 -11.31
C ALA A 101 5.19 13.56 -9.97
N ARG A 102 4.42 13.54 -8.88
CA ARG A 102 5.01 13.44 -7.55
C ARG A 102 5.81 12.15 -7.40
N ALA A 103 5.25 11.04 -7.88
CA ALA A 103 5.92 9.75 -7.78
C ALA A 103 7.12 9.69 -8.72
N LYS A 104 6.95 10.28 -9.91
CA LYS A 104 8.01 10.29 -10.92
C LYS A 104 8.81 11.60 -10.85
N LEU A 105 8.69 12.29 -9.72
CA LEU A 105 9.40 13.55 -9.55
C LEU A 105 10.91 13.29 -9.57
N GLU A 106 11.56 13.75 -10.64
CA GLU A 106 13.01 13.58 -10.79
C GLU A 106 13.76 14.62 -9.95
N HIS A 107 13.87 15.83 -10.46
CA HIS A 107 14.57 16.91 -9.75
C HIS A 107 14.15 18.27 -10.31
N HIS A 108 13.63 18.28 -11.53
CA HIS A 108 13.19 19.53 -12.16
C HIS A 108 11.90 20.02 -11.53
N HIS A 109 11.98 21.11 -10.78
CA HIS A 109 10.81 21.67 -10.12
C HIS A 109 9.81 22.19 -11.14
N HIS A 110 10.32 22.82 -12.20
CA HIS A 110 9.45 23.37 -13.24
C HIS A 110 8.70 22.25 -13.94
N HIS A 111 7.41 22.47 -14.16
CA HIS A 111 6.57 21.47 -14.82
C HIS A 111 6.84 21.46 -16.32
N HIS A 112 6.71 20.28 -16.93
CA HIS A 112 6.94 20.14 -18.37
C HIS A 112 5.95 21.00 -19.16
N MET A 1 9.94 -10.13 19.80
CA MET A 1 10.59 -10.56 18.53
C MET A 1 10.70 -12.08 18.51
N VAL A 2 10.89 -12.66 19.69
CA VAL A 2 11.00 -14.12 19.80
C VAL A 2 9.64 -14.77 19.93
N ASP A 3 9.37 -15.77 19.10
CA ASP A 3 8.09 -16.48 19.13
C ASP A 3 6.94 -15.48 19.01
N GLN A 4 7.05 -14.59 18.03
CA GLN A 4 6.00 -13.58 17.78
C GLN A 4 6.03 -13.13 16.34
N ASN A 5 7.21 -13.27 15.71
CA ASN A 5 7.39 -12.87 14.31
C ASN A 5 6.14 -13.20 13.46
N PRO A 6 5.33 -12.25 13.10
CA PRO A 6 4.12 -12.51 12.27
C PRO A 6 4.47 -12.70 10.80
N GLU A 7 5.74 -12.91 10.48
CA GLU A 7 6.17 -13.11 9.10
C GLU A 7 5.62 -14.42 8.56
N GLU A 8 5.18 -15.30 9.45
CA GLU A 8 4.63 -16.59 9.04
C GLU A 8 3.28 -16.41 8.36
N TYR A 9 2.49 -15.46 8.86
CA TYR A 9 1.18 -15.18 8.30
C TYR A 9 1.31 -14.72 6.85
N TYR A 10 2.46 -14.18 6.46
CA TYR A 10 2.69 -13.71 5.10
C TYR A 10 2.28 -14.79 4.09
N LEU A 11 2.13 -16.03 4.55
CA LEU A 11 1.75 -17.15 3.68
C LEU A 11 0.68 -16.73 2.69
N GLU A 12 -0.05 -15.68 3.07
CA GLU A 12 -1.10 -15.18 2.22
C GLU A 12 -0.56 -14.80 0.86
N GLY A 13 0.51 -14.01 0.88
CA GLY A 13 1.15 -13.56 -0.36
C GLY A 13 1.14 -14.66 -1.41
N VAL A 14 1.39 -15.89 -0.98
CA VAL A 14 1.39 -17.02 -1.91
C VAL A 14 0.00 -17.27 -2.45
N LEU A 15 -0.97 -17.51 -1.58
CA LEU A 15 -2.34 -17.77 -2.00
C LEU A 15 -2.76 -16.79 -3.11
N GLN A 16 -2.81 -15.49 -2.79
CA GLN A 16 -3.17 -14.49 -3.78
C GLN A 16 -2.34 -14.65 -5.05
N TYR A 17 -1.02 -14.66 -4.92
CA TYR A 17 -0.15 -14.83 -6.09
C TYR A 17 -0.63 -15.98 -6.96
N ASP A 18 -0.67 -17.19 -6.40
CA ASP A 18 -1.13 -18.36 -7.15
C ASP A 18 -2.63 -18.31 -7.36
N ALA A 19 -3.38 -18.41 -6.27
CA ALA A 19 -4.86 -18.37 -6.32
C ALA A 19 -5.37 -16.98 -5.97
N GLY A 20 -6.34 -16.89 -5.08
CA GLY A 20 -6.93 -15.60 -4.66
C GLY A 20 -6.88 -15.43 -3.14
N ASN A 21 -7.97 -15.81 -2.46
CA ASN A 21 -8.02 -15.69 -1.01
C ASN A 21 -7.73 -14.25 -0.58
N TYR A 22 -8.18 -13.30 -1.40
CA TYR A 22 -7.96 -11.90 -1.09
C TYR A 22 -8.66 -11.52 0.21
N THR A 23 -9.95 -11.85 0.28
CA THR A 23 -10.73 -11.55 1.48
C THR A 23 -10.20 -12.37 2.67
N GLU A 24 -9.91 -13.64 2.44
CA GLU A 24 -9.40 -14.49 3.51
C GLU A 24 -8.07 -13.97 4.05
N SER A 25 -7.18 -13.58 3.15
CA SER A 25 -5.88 -13.07 3.56
C SER A 25 -6.02 -11.94 4.57
N ILE A 26 -7.14 -11.23 4.52
CA ILE A 26 -7.38 -10.12 5.44
C ILE A 26 -7.25 -10.61 6.88
N ASP A 27 -7.68 -11.85 7.13
CA ASP A 27 -7.61 -12.39 8.48
C ASP A 27 -6.16 -12.58 8.90
N LEU A 28 -5.41 -13.29 8.07
CA LEU A 28 -4.01 -13.56 8.38
C LEU A 28 -3.25 -12.24 8.54
N PHE A 29 -3.39 -11.34 7.57
CA PHE A 29 -2.69 -10.07 7.63
C PHE A 29 -3.17 -9.26 8.86
N GLU A 30 -4.48 -9.23 9.05
CA GLU A 30 -5.04 -8.49 10.19
C GLU A 30 -4.28 -8.80 11.48
N LYS A 31 -3.84 -10.05 11.62
CA LYS A 31 -3.11 -10.46 12.81
C LYS A 31 -1.74 -9.75 12.86
N ALA A 32 -1.15 -9.56 11.69
CA ALA A 32 0.15 -8.90 11.61
C ALA A 32 0.05 -7.43 12.04
N ILE A 33 -0.90 -6.73 11.44
CA ILE A 33 -1.12 -5.31 11.76
C ILE A 33 -1.48 -5.16 13.24
N GLN A 34 -2.30 -6.07 13.76
CA GLN A 34 -2.71 -6.02 15.15
C GLN A 34 -1.51 -6.23 16.08
N LEU A 35 -0.63 -7.12 15.67
CA LEU A 35 0.57 -7.42 16.46
C LEU A 35 1.55 -6.26 16.40
N ASP A 36 1.67 -5.65 15.22
CA ASP A 36 2.58 -4.52 15.03
C ASP A 36 2.10 -3.60 13.91
N PRO A 37 1.29 -2.62 14.24
CA PRO A 37 0.78 -1.68 13.20
C PRO A 37 1.76 -0.52 12.94
N GLU A 38 2.79 -0.41 13.76
CA GLU A 38 3.79 0.64 13.62
C GLU A 38 4.67 0.40 12.38
N GLU A 39 4.50 -0.76 11.75
CA GLU A 39 5.27 -1.10 10.55
C GLU A 39 4.60 -0.54 9.31
N SER A 40 5.22 0.42 8.66
CA SER A 40 4.68 1.03 7.46
C SER A 40 4.60 0.01 6.33
N LYS A 41 5.67 -0.75 6.14
CA LYS A 41 5.73 -1.75 5.09
C LYS A 41 4.52 -2.68 5.17
N TYR A 42 4.02 -2.92 6.37
CA TYR A 42 2.86 -3.79 6.57
C TYR A 42 1.59 -3.12 6.05
N TRP A 43 1.52 -1.80 6.24
CA TRP A 43 0.36 -1.04 5.79
C TRP A 43 0.36 -0.93 4.26
N LEU A 44 1.56 -0.87 3.69
CA LEU A 44 1.67 -0.75 2.24
C LEU A 44 0.86 -1.85 1.54
N MET A 45 0.96 -3.07 2.06
CA MET A 45 0.23 -4.17 1.45
C MET A 45 -1.28 -3.91 1.50
N LYS A 46 -1.73 -3.43 2.66
CA LYS A 46 -3.16 -3.16 2.82
C LYS A 46 -3.68 -2.31 1.67
N GLY A 47 -2.97 -1.23 1.35
CA GLY A 47 -3.39 -0.34 0.27
C GLY A 47 -3.61 -1.13 -1.02
N LYS A 48 -2.64 -1.95 -1.39
CA LYS A 48 -2.75 -2.75 -2.62
C LYS A 48 -3.99 -3.64 -2.55
N ALA A 49 -4.26 -4.21 -1.38
CA ALA A 49 -5.42 -5.08 -1.22
C ALA A 49 -6.71 -4.31 -1.45
N LEU A 50 -6.84 -3.20 -0.74
CA LEU A 50 -8.04 -2.36 -0.86
C LEU A 50 -8.20 -1.88 -2.31
N TYR A 51 -7.10 -1.49 -2.93
CA TYR A 51 -7.15 -1.03 -4.31
C TYR A 51 -7.60 -2.14 -5.25
N ASN A 52 -7.00 -3.33 -5.11
CA ASN A 52 -7.34 -4.45 -5.96
C ASN A 52 -8.81 -4.85 -5.77
N LEU A 53 -9.32 -4.62 -4.57
CA LEU A 53 -10.70 -4.94 -4.24
C LEU A 53 -11.65 -3.90 -4.80
N GLU A 54 -11.12 -2.97 -5.59
CA GLU A 54 -11.91 -1.90 -6.22
C GLU A 54 -12.32 -0.87 -5.17
N ARG A 55 -11.54 -0.75 -4.10
CA ARG A 55 -11.82 0.20 -3.02
C ARG A 55 -10.80 1.35 -3.06
N TYR A 56 -10.90 2.18 -4.09
CA TYR A 56 -10.00 3.32 -4.24
C TYR A 56 -10.08 4.22 -3.01
N GLU A 57 -11.30 4.41 -2.51
CA GLU A 57 -11.51 5.26 -1.35
C GLU A 57 -10.78 4.69 -0.12
N GLU A 58 -10.99 3.41 0.14
CA GLU A 58 -10.35 2.76 1.28
C GLU A 58 -8.84 2.71 1.09
N ALA A 59 -8.41 2.46 -0.14
CA ALA A 59 -6.99 2.39 -0.45
C ALA A 59 -6.31 3.71 -0.12
N VAL A 60 -6.89 4.82 -0.57
CA VAL A 60 -6.33 6.13 -0.31
C VAL A 60 -6.24 6.36 1.20
N ASP A 61 -7.27 5.98 1.94
CA ASP A 61 -7.28 6.16 3.39
C ASP A 61 -6.08 5.46 4.03
N CYS A 62 -5.72 4.31 3.49
CA CYS A 62 -4.58 3.58 4.02
C CYS A 62 -3.27 4.28 3.67
N TYR A 63 -3.15 4.69 2.41
CA TYR A 63 -1.93 5.39 1.97
C TYR A 63 -1.75 6.67 2.77
N ASN A 64 -2.81 7.45 2.89
CA ASN A 64 -2.75 8.71 3.61
C ASN A 64 -2.39 8.47 5.07
N TYR A 65 -2.88 7.35 5.60
CA TYR A 65 -2.60 7.00 6.98
C TYR A 65 -1.10 6.78 7.17
N VAL A 66 -0.50 6.01 6.26
CA VAL A 66 0.94 5.73 6.34
C VAL A 66 1.75 7.02 6.33
N ILE A 67 1.24 8.04 5.65
CA ILE A 67 1.93 9.34 5.58
C ILE A 67 1.50 10.24 6.73
N ASN A 68 0.30 10.02 7.26
CA ASN A 68 -0.21 10.82 8.35
C ASN A 68 0.48 10.47 9.66
N VAL A 69 0.04 9.38 10.27
CA VAL A 69 0.62 8.94 11.54
C VAL A 69 2.15 8.91 11.44
N ILE A 70 2.68 8.43 10.32
CA ILE A 70 4.12 8.35 10.11
C ILE A 70 4.54 9.33 9.02
N GLU A 71 5.57 10.13 9.30
CA GLU A 71 6.06 11.12 8.35
C GLU A 71 6.94 10.45 7.30
N ASP A 72 6.76 9.15 7.10
CA ASP A 72 7.54 8.39 6.12
C ASP A 72 6.93 8.53 4.74
N GLU A 73 7.17 9.67 4.09
CA GLU A 73 6.64 9.93 2.75
C GLU A 73 7.73 9.71 1.70
N TYR A 74 8.94 9.42 2.18
CA TYR A 74 10.07 9.19 1.28
C TYR A 74 10.02 7.77 0.72
N ASN A 75 8.83 7.20 0.67
CA ASN A 75 8.64 5.84 0.15
C ASN A 75 8.10 5.90 -1.27
N LYS A 76 8.96 5.63 -2.23
CA LYS A 76 8.58 5.65 -3.64
C LYS A 76 7.47 4.62 -3.90
N ASP A 77 7.61 3.45 -3.29
CA ASP A 77 6.62 2.39 -3.48
C ASP A 77 5.25 2.86 -3.00
N VAL A 78 5.21 3.51 -1.84
CA VAL A 78 3.95 4.00 -1.29
C VAL A 78 3.34 5.06 -2.21
N TRP A 79 4.13 6.06 -2.59
CA TRP A 79 3.66 7.12 -3.47
C TRP A 79 3.20 6.53 -4.81
N ALA A 80 4.02 5.67 -5.41
CA ALA A 80 3.67 5.07 -6.68
C ALA A 80 2.37 4.26 -6.56
N ALA A 81 2.24 3.52 -5.46
CA ALA A 81 1.05 2.70 -5.25
C ALA A 81 -0.20 3.56 -5.34
N LYS A 82 -0.18 4.72 -4.68
CA LYS A 82 -1.32 5.62 -4.70
C LYS A 82 -1.72 5.96 -6.14
N ALA A 83 -0.72 6.14 -7.00
CA ALA A 83 -0.99 6.47 -8.40
C ALA A 83 -1.98 5.48 -9.01
N ASP A 84 -1.70 4.19 -8.85
CA ASP A 84 -2.57 3.15 -9.37
C ASP A 84 -4.02 3.40 -8.93
N ALA A 85 -4.20 3.78 -7.67
CA ALA A 85 -5.53 4.05 -7.14
C ALA A 85 -6.13 5.28 -7.81
N LEU A 86 -5.30 6.29 -8.03
CA LEU A 86 -5.75 7.53 -8.66
C LEU A 86 -6.02 7.30 -10.15
N ARG A 87 -5.24 6.41 -10.75
CA ARG A 87 -5.39 6.12 -12.18
C ARG A 87 -6.76 5.52 -12.46
N TYR A 88 -7.43 5.07 -11.41
CA TYR A 88 -8.76 4.46 -11.53
C TYR A 88 -9.68 4.94 -10.41
N ILE A 89 -9.90 6.25 -10.34
CA ILE A 89 -10.75 6.87 -9.32
C ILE A 89 -11.78 7.80 -9.97
N GLU A 90 -12.98 7.85 -9.40
CA GLU A 90 -14.03 8.70 -9.94
C GLU A 90 -13.58 10.16 -9.94
N GLY A 91 -13.92 10.89 -11.00
CA GLY A 91 -13.55 12.30 -11.12
C GLY A 91 -12.10 12.44 -11.57
N LYS A 92 -11.77 11.90 -12.74
CA LYS A 92 -10.42 11.98 -13.26
C LYS A 92 -10.09 13.41 -13.69
N GLU A 93 -8.95 13.90 -13.24
CA GLU A 93 -8.52 15.26 -13.58
C GLU A 93 -7.02 15.30 -13.89
N VAL A 94 -6.22 15.49 -12.86
CA VAL A 94 -4.75 15.54 -13.04
C VAL A 94 -4.06 14.78 -11.92
N GLU A 95 -4.85 14.14 -11.05
CA GLU A 95 -4.28 13.38 -9.94
C GLU A 95 -3.40 12.25 -10.45
N ALA A 96 -3.95 11.44 -11.35
CA ALA A 96 -3.19 10.31 -11.91
C ALA A 96 -1.93 10.80 -12.60
N GLU A 97 -2.04 11.94 -13.29
CA GLU A 97 -0.89 12.49 -14.01
C GLU A 97 0.18 12.95 -13.02
N ILE A 98 -0.22 13.76 -12.04
CA ILE A 98 0.71 14.26 -11.03
C ILE A 98 1.32 13.09 -10.26
N ALA A 99 0.48 12.13 -9.88
CA ALA A 99 0.95 10.99 -9.11
C ALA A 99 1.95 10.16 -9.94
N GLU A 100 1.51 9.77 -11.14
CA GLU A 100 2.37 8.96 -12.00
C GLU A 100 3.69 9.70 -12.29
N ALA A 101 3.59 11.00 -12.53
CA ALA A 101 4.78 11.81 -12.81
C ALA A 101 5.60 12.04 -11.54
N ARG A 102 4.92 12.45 -10.47
CA ARG A 102 5.60 12.71 -9.19
C ARG A 102 6.23 11.43 -8.66
N ALA A 103 5.56 10.29 -8.84
CA ALA A 103 6.08 9.02 -8.35
C ALA A 103 7.43 8.71 -8.99
N LYS A 104 7.55 9.02 -10.28
CA LYS A 104 8.79 8.78 -11.01
C LYS A 104 9.93 9.61 -10.42
N LEU A 105 9.62 10.83 -10.01
CA LEU A 105 10.65 11.70 -9.43
C LEU A 105 11.43 10.95 -8.37
N GLU A 106 12.55 10.35 -8.78
CA GLU A 106 13.41 9.59 -7.87
C GLU A 106 14.70 10.36 -7.58
N HIS A 107 15.63 10.34 -8.52
CA HIS A 107 16.89 11.05 -8.35
C HIS A 107 16.70 12.54 -8.58
N HIS A 108 17.60 13.34 -8.02
CA HIS A 108 17.52 14.79 -8.15
C HIS A 108 18.91 15.41 -8.07
N HIS A 109 19.53 15.33 -6.89
CA HIS A 109 20.86 15.88 -6.68
C HIS A 109 20.94 17.32 -7.20
N HIS A 110 21.49 17.48 -8.39
CA HIS A 110 21.63 18.81 -8.98
C HIS A 110 22.35 19.75 -8.03
N HIS A 111 21.60 20.33 -7.09
CA HIS A 111 22.18 21.26 -6.12
C HIS A 111 22.92 22.38 -6.83
N HIS A 112 22.32 23.57 -6.82
CA HIS A 112 22.93 24.72 -7.47
C HIS A 112 24.38 24.91 -6.99
N MET A 1 3.15 -7.64 28.46
CA MET A 1 2.80 -7.67 27.00
C MET A 1 4.06 -7.91 26.19
N VAL A 2 4.40 -9.19 26.00
CA VAL A 2 5.59 -9.56 25.24
C VAL A 2 5.46 -9.10 23.79
N ASP A 3 4.27 -9.24 23.22
CA ASP A 3 4.02 -8.85 21.85
C ASP A 3 5.03 -9.49 20.90
N GLN A 4 4.82 -10.75 20.57
CA GLN A 4 5.72 -11.46 19.67
C GLN A 4 5.63 -10.90 18.26
N ASN A 5 6.77 -10.64 17.66
CA ASN A 5 6.81 -10.07 16.31
C ASN A 5 6.23 -11.05 15.27
N PRO A 6 5.60 -10.56 14.24
CA PRO A 6 5.02 -11.43 13.18
C PRO A 6 6.10 -12.14 12.37
N GLU A 7 6.50 -11.55 11.24
CA GLU A 7 7.52 -12.12 10.37
C GLU A 7 6.98 -13.36 9.65
N GLU A 8 6.36 -14.25 10.40
CA GLU A 8 5.78 -15.47 9.83
C GLU A 8 4.47 -15.17 9.11
N TYR A 9 3.70 -14.22 9.65
CA TYR A 9 2.43 -13.81 9.08
C TYR A 9 2.62 -13.38 7.62
N TYR A 10 3.86 -13.34 7.14
CA TYR A 10 4.16 -12.95 5.76
C TYR A 10 3.68 -14.02 4.76
N LEU A 11 3.28 -15.17 5.27
CA LEU A 11 2.79 -16.27 4.45
C LEU A 11 1.71 -15.77 3.50
N GLU A 12 1.24 -14.55 3.78
CA GLU A 12 0.17 -13.99 2.97
C GLU A 12 0.62 -13.81 1.55
N GLY A 13 1.77 -13.14 1.40
CA GLY A 13 2.33 -12.90 0.07
C GLY A 13 2.08 -14.09 -0.86
N VAL A 14 2.00 -15.28 -0.28
CA VAL A 14 1.74 -16.50 -1.05
C VAL A 14 0.27 -16.63 -1.36
N LEU A 15 -0.58 -16.56 -0.34
CA LEU A 15 -2.03 -16.69 -0.51
C LEU A 15 -2.49 -15.88 -1.70
N GLN A 16 -2.40 -14.55 -1.62
CA GLN A 16 -2.83 -13.69 -2.71
C GLN A 16 -2.28 -14.22 -4.05
N TYR A 17 -0.97 -14.43 -4.12
CA TYR A 17 -0.36 -14.94 -5.36
C TYR A 17 -1.05 -16.23 -5.81
N ASP A 18 -1.01 -17.25 -4.97
CA ASP A 18 -1.63 -18.53 -5.31
C ASP A 18 -3.14 -18.44 -5.15
N ALA A 19 -3.61 -18.46 -3.91
CA ALA A 19 -5.03 -18.37 -3.61
C ALA A 19 -5.55 -16.97 -3.93
N GLY A 20 -6.44 -16.87 -4.92
CA GLY A 20 -7.02 -15.60 -5.34
C GLY A 20 -8.13 -15.17 -4.38
N ASN A 21 -7.80 -15.07 -3.10
CA ASN A 21 -8.77 -14.66 -2.08
C ASN A 21 -8.28 -13.43 -1.33
N TYR A 22 -8.02 -12.37 -2.09
CA TYR A 22 -7.54 -11.11 -1.49
C TYR A 22 -8.35 -10.79 -0.23
N THR A 23 -9.64 -11.07 -0.30
CA THR A 23 -10.50 -10.80 0.85
C THR A 23 -10.00 -11.56 2.09
N GLU A 24 -9.77 -12.86 1.94
CA GLU A 24 -9.29 -13.66 3.06
C GLU A 24 -8.03 -13.05 3.67
N SER A 25 -7.12 -12.62 2.81
CA SER A 25 -5.86 -12.02 3.29
C SER A 25 -6.13 -11.01 4.40
N ILE A 26 -7.34 -10.45 4.43
CA ILE A 26 -7.71 -9.48 5.46
C ILE A 26 -7.53 -10.10 6.85
N ASP A 27 -7.94 -11.35 6.99
CA ASP A 27 -7.82 -12.02 8.28
C ASP A 27 -6.36 -12.04 8.74
N LEU A 28 -5.49 -12.51 7.85
CA LEU A 28 -4.07 -12.58 8.18
C LEU A 28 -3.51 -11.17 8.45
N PHE A 29 -3.86 -10.23 7.58
CA PHE A 29 -3.38 -8.86 7.75
C PHE A 29 -3.80 -8.31 9.11
N GLU A 30 -5.09 -8.43 9.42
CA GLU A 30 -5.60 -7.93 10.68
C GLU A 30 -4.78 -8.48 11.85
N LYS A 31 -4.38 -9.74 11.74
CA LYS A 31 -3.59 -10.37 12.80
C LYS A 31 -2.19 -9.75 12.88
N ALA A 32 -1.55 -9.64 11.72
CA ALA A 32 -0.20 -9.07 11.68
C ALA A 32 -0.18 -7.68 12.33
N ILE A 33 -1.03 -6.81 11.83
CA ILE A 33 -1.12 -5.46 12.37
C ILE A 33 -1.45 -5.50 13.87
N GLN A 34 -2.40 -6.36 14.24
CA GLN A 34 -2.81 -6.45 15.64
C GLN A 34 -1.59 -6.63 16.53
N LEU A 35 -0.58 -7.31 16.01
CA LEU A 35 0.64 -7.55 16.76
C LEU A 35 1.46 -6.27 16.85
N ASP A 36 1.50 -5.53 15.75
CA ASP A 36 2.26 -4.29 15.71
C ASP A 36 2.02 -3.53 14.38
N PRO A 37 1.43 -2.37 14.41
CA PRO A 37 1.19 -1.60 13.15
C PRO A 37 2.42 -0.78 12.73
N GLU A 38 3.60 -1.19 13.16
CA GLU A 38 4.85 -0.50 12.82
C GLU A 38 5.43 -1.04 11.53
N GLU A 39 4.84 -2.09 10.99
CA GLU A 39 5.31 -2.70 9.75
C GLU A 39 4.59 -2.09 8.54
N SER A 40 5.25 -1.16 7.88
CA SER A 40 4.68 -0.50 6.71
C SER A 40 4.51 -1.49 5.56
N LYS A 41 5.54 -2.29 5.32
CA LYS A 41 5.50 -3.28 4.23
C LYS A 41 4.19 -4.06 4.27
N TYR A 42 3.60 -4.21 5.45
CA TYR A 42 2.34 -4.94 5.61
C TYR A 42 1.17 -4.06 5.18
N TRP A 43 1.30 -2.75 5.39
CA TRP A 43 0.25 -1.82 5.00
C TRP A 43 0.21 -1.63 3.49
N LEU A 44 1.39 -1.65 2.88
CA LEU A 44 1.49 -1.49 1.44
C LEU A 44 0.65 -2.55 0.74
N MET A 45 0.69 -3.77 1.26
CA MET A 45 -0.05 -4.86 0.66
C MET A 45 -1.57 -4.62 0.78
N LYS A 46 -1.94 -4.11 1.95
CA LYS A 46 -3.36 -3.85 2.19
C LYS A 46 -3.93 -2.91 1.14
N GLY A 47 -3.22 -1.82 0.88
CA GLY A 47 -3.68 -0.84 -0.09
C GLY A 47 -3.92 -1.49 -1.45
N LYS A 48 -2.96 -2.28 -1.91
CA LYS A 48 -3.09 -2.96 -3.19
C LYS A 48 -4.30 -3.90 -3.19
N ALA A 49 -4.60 -4.49 -2.03
CA ALA A 49 -5.73 -5.40 -1.92
C ALA A 49 -7.05 -4.65 -2.08
N LEU A 50 -7.17 -3.56 -1.32
CA LEU A 50 -8.40 -2.77 -1.39
C LEU A 50 -8.56 -2.14 -2.78
N TYR A 51 -7.48 -1.57 -3.29
CA TYR A 51 -7.54 -0.95 -4.60
C TYR A 51 -8.02 -1.93 -5.65
N ASN A 52 -7.40 -3.11 -5.69
CA ASN A 52 -7.78 -4.12 -6.66
C ASN A 52 -9.22 -4.56 -6.45
N LEU A 53 -9.69 -4.42 -5.21
CA LEU A 53 -11.06 -4.80 -4.86
C LEU A 53 -12.03 -3.73 -5.29
N GLU A 54 -11.57 -2.79 -6.11
CA GLU A 54 -12.40 -1.69 -6.62
C GLU A 54 -12.61 -0.65 -5.53
N ARG A 55 -11.96 -0.82 -4.39
CA ARG A 55 -12.11 0.10 -3.27
C ARG A 55 -11.04 1.18 -3.34
N TYR A 56 -11.08 1.95 -4.43
CA TYR A 56 -10.11 3.02 -4.62
C TYR A 56 -10.13 3.98 -3.43
N GLU A 57 -11.33 4.25 -2.92
CA GLU A 57 -11.47 5.15 -1.78
C GLU A 57 -10.84 4.54 -0.53
N GLU A 58 -11.22 3.30 -0.23
CA GLU A 58 -10.68 2.64 0.95
C GLU A 58 -9.18 2.45 0.83
N ALA A 59 -8.73 2.07 -0.37
CA ALA A 59 -7.31 1.85 -0.59
C ALA A 59 -6.52 3.09 -0.21
N VAL A 60 -7.05 4.26 -0.57
CA VAL A 60 -6.39 5.51 -0.25
C VAL A 60 -6.21 5.63 1.27
N ASP A 61 -7.17 5.14 2.04
CA ASP A 61 -7.08 5.22 3.48
C ASP A 61 -5.83 4.52 3.99
N CYS A 62 -5.48 3.39 3.37
CA CYS A 62 -4.30 2.65 3.78
C CYS A 62 -3.04 3.46 3.48
N TYR A 63 -2.91 3.92 2.24
CA TYR A 63 -1.75 4.71 1.87
C TYR A 63 -1.63 5.96 2.72
N ASN A 64 -2.76 6.63 2.94
CA ASN A 64 -2.75 7.83 3.75
C ASN A 64 -2.33 7.52 5.18
N TYR A 65 -2.77 6.36 5.67
CA TYR A 65 -2.43 5.96 7.02
C TYR A 65 -0.91 5.86 7.16
N VAL A 66 -0.28 5.24 6.17
CA VAL A 66 1.18 5.10 6.20
C VAL A 66 1.87 6.46 6.08
N ILE A 67 1.36 7.31 5.19
CA ILE A 67 1.94 8.63 4.99
C ILE A 67 1.59 9.54 6.15
N ASN A 68 0.49 9.23 6.84
CA ASN A 68 0.03 10.04 7.97
C ASN A 68 0.74 9.64 9.26
N VAL A 69 0.32 8.49 9.79
CA VAL A 69 0.91 8.01 11.05
C VAL A 69 2.44 8.01 10.96
N ILE A 70 2.96 7.54 9.82
CA ILE A 70 4.40 7.47 9.59
C ILE A 70 4.82 8.63 8.68
N GLU A 71 5.89 9.32 9.08
CA GLU A 71 6.43 10.43 8.32
C GLU A 71 7.57 9.96 7.41
N ASP A 72 7.55 8.70 7.00
CA ASP A 72 8.58 8.14 6.13
C ASP A 72 8.28 8.48 4.68
N GLU A 73 7.90 9.72 4.43
CA GLU A 73 7.59 10.18 3.07
C GLU A 73 8.80 9.98 2.14
N TYR A 74 9.04 8.73 1.77
CA TYR A 74 10.16 8.41 0.90
C TYR A 74 10.06 6.98 0.38
N ASN A 75 8.81 6.51 0.23
CA ASN A 75 8.57 5.15 -0.27
C ASN A 75 8.05 5.20 -1.69
N LYS A 76 8.91 4.83 -2.64
CA LYS A 76 8.55 4.83 -4.05
C LYS A 76 7.43 3.83 -4.32
N ASP A 77 7.51 2.69 -3.65
CA ASP A 77 6.50 1.64 -3.83
C ASP A 77 5.12 2.14 -3.38
N VAL A 78 5.08 2.83 -2.26
CA VAL A 78 3.83 3.36 -1.74
C VAL A 78 3.26 4.43 -2.67
N TRP A 79 4.12 5.37 -3.07
CA TRP A 79 3.70 6.45 -3.96
C TRP A 79 3.15 5.88 -5.26
N ALA A 80 3.82 4.89 -5.82
CA ALA A 80 3.38 4.27 -7.07
C ALA A 80 2.01 3.62 -6.88
N ALA A 81 1.80 3.01 -5.72
CA ALA A 81 0.53 2.36 -5.43
C ALA A 81 -0.60 3.37 -5.36
N LYS A 82 -0.35 4.47 -4.64
CA LYS A 82 -1.36 5.50 -4.49
C LYS A 82 -1.72 6.10 -5.84
N ALA A 83 -0.71 6.39 -6.66
CA ALA A 83 -0.95 6.97 -7.98
C ALA A 83 -1.87 6.07 -8.79
N ASP A 84 -1.58 4.77 -8.80
CA ASP A 84 -2.39 3.82 -9.54
C ASP A 84 -3.86 3.96 -9.15
N ALA A 85 -4.12 4.14 -7.86
CA ALA A 85 -5.49 4.30 -7.36
C ALA A 85 -6.12 5.57 -7.93
N LEU A 86 -5.32 6.62 -8.04
CA LEU A 86 -5.80 7.89 -8.57
C LEU A 86 -6.00 7.80 -10.08
N ARG A 87 -5.22 6.94 -10.72
CA ARG A 87 -5.32 6.77 -12.17
C ARG A 87 -6.67 6.16 -12.56
N TYR A 88 -7.33 5.56 -11.57
CA TYR A 88 -8.63 4.92 -11.79
C TYR A 88 -9.65 5.40 -10.77
N ILE A 89 -9.81 6.72 -10.66
CA ILE A 89 -10.75 7.33 -9.71
C ILE A 89 -11.68 8.30 -10.44
N GLU A 90 -12.98 8.20 -10.18
CA GLU A 90 -13.96 9.09 -10.81
C GLU A 90 -13.86 8.98 -12.32
N GLY A 91 -12.92 9.71 -12.91
CA GLY A 91 -12.72 9.70 -14.37
C GLY A 91 -11.25 9.83 -14.71
N LYS A 92 -10.78 11.06 -14.87
CA LYS A 92 -9.38 11.30 -15.20
C LYS A 92 -9.01 12.75 -14.90
N GLU A 93 -8.89 13.07 -13.62
CA GLU A 93 -8.53 14.43 -13.19
C GLU A 93 -7.03 14.62 -13.21
N VAL A 94 -6.60 15.89 -13.18
CA VAL A 94 -5.19 16.20 -13.20
C VAL A 94 -4.48 15.56 -12.00
N GLU A 95 -5.26 15.04 -11.06
CA GLU A 95 -4.69 14.42 -9.87
C GLU A 95 -3.81 13.24 -10.26
N ALA A 96 -4.35 12.34 -11.09
CA ALA A 96 -3.60 11.17 -11.53
C ALA A 96 -2.25 11.57 -12.11
N GLU A 97 -2.21 12.72 -12.80
CA GLU A 97 -0.97 13.19 -13.39
C GLU A 97 0.01 13.64 -12.31
N ILE A 98 -0.50 14.40 -11.33
CA ILE A 98 0.35 14.90 -10.26
C ILE A 98 1.01 13.74 -9.51
N ALA A 99 0.22 12.71 -9.22
CA ALA A 99 0.76 11.55 -8.50
C ALA A 99 1.76 10.79 -9.37
N GLU A 100 1.39 10.59 -10.62
CA GLU A 100 2.27 9.87 -11.55
C GLU A 100 3.66 10.52 -11.57
N ALA A 101 3.70 11.84 -11.66
CA ALA A 101 4.97 12.56 -11.69
C ALA A 101 5.71 12.41 -10.37
N ARG A 102 4.97 12.46 -9.26
CA ARG A 102 5.57 12.31 -7.93
C ARG A 102 6.20 10.93 -7.78
N ALA A 103 5.50 9.89 -8.23
CA ALA A 103 6.00 8.53 -8.11
C ALA A 103 7.11 8.28 -9.12
N LYS A 104 7.06 9.00 -10.24
CA LYS A 104 8.06 8.84 -11.31
C LYS A 104 9.16 9.90 -11.16
N LEU A 105 9.01 10.76 -10.16
CA LEU A 105 10.00 11.81 -9.92
C LEU A 105 11.39 11.19 -9.77
N GLU A 106 12.21 11.33 -10.80
CA GLU A 106 13.57 10.79 -10.78
C GLU A 106 14.57 11.89 -10.41
N HIS A 107 15.59 11.53 -9.63
CA HIS A 107 16.61 12.48 -9.20
C HIS A 107 17.68 12.63 -10.28
N HIS A 108 18.54 13.63 -10.14
CA HIS A 108 19.60 13.85 -11.11
C HIS A 108 20.58 12.70 -11.08
N HIS A 109 21.12 12.35 -12.26
CA HIS A 109 22.08 11.24 -12.37
C HIS A 109 23.36 11.73 -13.03
N HIS A 110 24.49 11.36 -12.43
CA HIS A 110 25.80 11.76 -12.96
C HIS A 110 26.85 10.69 -12.64
N HIS A 111 27.80 10.54 -13.56
CA HIS A 111 28.86 9.55 -13.38
C HIS A 111 30.03 10.16 -12.59
N HIS A 112 30.81 9.29 -11.95
CA HIS A 112 31.95 9.75 -11.16
C HIS A 112 32.81 8.57 -10.75
N MET A 1 12.62 -11.09 16.79
CA MET A 1 13.84 -10.62 17.50
C MET A 1 13.45 -9.60 18.56
N VAL A 2 13.00 -8.44 18.12
CA VAL A 2 12.58 -7.38 19.05
C VAL A 2 11.37 -7.82 19.85
N ASP A 3 10.39 -8.42 19.17
CA ASP A 3 9.18 -8.89 19.83
C ASP A 3 8.62 -10.13 19.14
N GLN A 4 7.30 -10.22 19.05
CA GLN A 4 6.66 -11.37 18.41
C GLN A 4 7.06 -11.44 16.94
N ASN A 5 7.15 -10.28 16.30
CA ASN A 5 7.53 -10.20 14.89
C ASN A 5 6.68 -11.13 14.04
N PRO A 6 5.49 -10.73 13.70
CA PRO A 6 4.57 -11.56 12.85
C PRO A 6 5.12 -11.73 11.43
N GLU A 7 6.44 -11.83 11.27
CA GLU A 7 7.05 -11.99 9.96
C GLU A 7 6.54 -13.24 9.28
N GLU A 8 5.96 -14.15 10.06
CA GLU A 8 5.42 -15.40 9.52
C GLU A 8 4.10 -15.15 8.80
N TYR A 9 3.29 -14.24 9.35
CA TYR A 9 1.99 -13.91 8.76
C TYR A 9 2.15 -13.55 7.28
N TYR A 10 3.37 -13.26 6.85
CA TYR A 10 3.63 -12.90 5.45
C TYR A 10 3.14 -14.02 4.52
N LEU A 11 2.81 -15.18 5.09
CA LEU A 11 2.35 -16.32 4.29
C LEU A 11 1.34 -15.88 3.24
N GLU A 12 0.73 -14.72 3.50
CA GLU A 12 -0.25 -14.19 2.59
C GLU A 12 0.33 -14.08 1.18
N GLY A 13 1.51 -13.47 1.10
CA GLY A 13 2.21 -13.30 -0.17
C GLY A 13 1.99 -14.51 -1.08
N VAL A 14 1.96 -15.69 -0.48
CA VAL A 14 1.74 -16.92 -1.25
C VAL A 14 0.29 -17.04 -1.66
N LEU A 15 -0.62 -16.96 -0.70
CA LEU A 15 -2.05 -17.08 -0.98
C LEU A 15 -2.41 -16.27 -2.22
N GLN A 16 -2.24 -14.95 -2.16
CA GLN A 16 -2.57 -14.11 -3.31
C GLN A 16 -1.98 -14.72 -4.59
N TYR A 17 -0.68 -14.97 -4.62
CA TYR A 17 -0.03 -15.55 -5.80
C TYR A 17 -0.79 -16.79 -6.28
N ASP A 18 -0.85 -17.81 -5.43
CA ASP A 18 -1.55 -19.04 -5.77
C ASP A 18 -3.07 -18.84 -5.69
N ALA A 19 -3.56 -18.76 -4.46
CA ALA A 19 -5.00 -18.57 -4.21
C ALA A 19 -5.34 -17.08 -4.20
N GLY A 20 -5.63 -16.51 -5.36
CA GLY A 20 -5.97 -15.09 -5.47
C GLY A 20 -7.15 -14.74 -4.57
N ASN A 21 -6.87 -14.54 -3.28
CA ASN A 21 -7.92 -14.19 -2.31
C ASN A 21 -7.54 -12.94 -1.54
N TYR A 22 -7.33 -11.85 -2.28
CA TYR A 22 -6.96 -10.58 -1.65
C TYR A 22 -7.79 -10.34 -0.37
N THR A 23 -9.07 -10.70 -0.44
CA THR A 23 -9.96 -10.53 0.70
C THR A 23 -9.46 -11.34 1.89
N GLU A 24 -9.12 -12.61 1.67
CA GLU A 24 -8.62 -13.46 2.75
C GLU A 24 -7.39 -12.83 3.40
N SER A 25 -6.46 -12.38 2.57
CA SER A 25 -5.24 -11.76 3.08
C SER A 25 -5.56 -10.68 4.12
N ILE A 26 -6.75 -10.08 4.01
CA ILE A 26 -7.14 -9.01 4.95
C ILE A 26 -7.12 -9.56 6.39
N ASP A 27 -7.65 -10.76 6.57
CA ASP A 27 -7.69 -11.36 7.89
C ASP A 27 -6.28 -11.42 8.48
N LEU A 28 -5.33 -11.83 7.67
CA LEU A 28 -3.94 -11.93 8.14
C LEU A 28 -3.39 -10.53 8.41
N PHE A 29 -3.65 -9.59 7.50
CA PHE A 29 -3.15 -8.23 7.69
C PHE A 29 -3.68 -7.64 9.00
N GLU A 30 -4.98 -7.75 9.22
CA GLU A 30 -5.59 -7.20 10.43
C GLU A 30 -4.89 -7.77 11.68
N LYS A 31 -4.59 -9.06 11.65
CA LYS A 31 -3.92 -9.69 12.79
C LYS A 31 -2.54 -9.07 13.02
N ALA A 32 -1.78 -8.90 11.95
CA ALA A 32 -0.44 -8.32 12.07
C ALA A 32 -0.52 -6.91 12.66
N ILE A 33 -1.37 -6.08 12.07
CA ILE A 33 -1.53 -4.70 12.54
C ILE A 33 -2.02 -4.70 13.99
N GLN A 34 -3.05 -5.49 14.27
CA GLN A 34 -3.61 -5.58 15.61
C GLN A 34 -2.52 -5.96 16.62
N LEU A 35 -1.63 -6.85 16.20
CA LEU A 35 -0.55 -7.29 17.08
C LEU A 35 0.41 -6.14 17.37
N ASP A 36 0.81 -5.43 16.32
CA ASP A 36 1.72 -4.30 16.48
C ASP A 36 1.85 -3.51 15.16
N PRO A 37 1.33 -2.31 15.09
CA PRO A 37 1.42 -1.50 13.84
C PRO A 37 2.76 -0.75 13.74
N GLU A 38 3.56 -1.07 12.72
CA GLU A 38 4.86 -0.43 12.51
C GLU A 38 5.50 -0.91 11.19
N GLU A 39 4.96 -1.98 10.63
CA GLU A 39 5.48 -2.54 9.37
C GLU A 39 4.74 -1.94 8.17
N SER A 40 5.31 -0.92 7.55
CA SER A 40 4.68 -0.29 6.40
C SER A 40 4.58 -1.25 5.22
N LYS A 41 5.67 -1.97 4.96
CA LYS A 41 5.72 -2.92 3.86
C LYS A 41 4.51 -3.87 3.91
N TYR A 42 4.02 -4.15 5.11
CA TYR A 42 2.87 -5.04 5.28
C TYR A 42 1.56 -4.30 4.97
N TRP A 43 1.50 -3.02 5.34
CA TRP A 43 0.31 -2.21 5.10
C TRP A 43 0.23 -1.80 3.64
N LEU A 44 1.39 -1.71 3.01
CA LEU A 44 1.44 -1.33 1.60
C LEU A 44 0.65 -2.33 0.76
N MET A 45 0.78 -3.61 1.09
CA MET A 45 0.07 -4.65 0.36
C MET A 45 -1.43 -4.53 0.57
N LYS A 46 -1.81 -4.17 1.79
CA LYS A 46 -3.22 -4.03 2.10
C LYS A 46 -3.88 -3.03 1.17
N GLY A 47 -3.27 -1.86 1.02
CA GLY A 47 -3.81 -0.83 0.15
C GLY A 47 -4.08 -1.37 -1.25
N LYS A 48 -3.12 -2.12 -1.80
CA LYS A 48 -3.28 -2.70 -3.13
C LYS A 48 -4.43 -3.70 -3.16
N ALA A 49 -4.70 -4.32 -2.02
CA ALA A 49 -5.79 -5.29 -1.94
C ALA A 49 -7.14 -4.61 -2.09
N LEU A 50 -7.34 -3.56 -1.30
CA LEU A 50 -8.59 -2.83 -1.34
C LEU A 50 -8.79 -2.17 -2.70
N TYR A 51 -7.72 -1.57 -3.22
CA TYR A 51 -7.81 -0.90 -4.52
C TYR A 51 -8.25 -1.90 -5.60
N ASN A 52 -7.58 -3.03 -5.67
CA ASN A 52 -7.91 -4.04 -6.66
C ASN A 52 -9.34 -4.54 -6.47
N LEU A 53 -9.82 -4.46 -5.24
CA LEU A 53 -11.18 -4.91 -4.91
C LEU A 53 -12.21 -3.87 -5.36
N GLU A 54 -11.81 -2.94 -6.22
CA GLU A 54 -12.68 -1.89 -6.75
C GLU A 54 -12.93 -0.81 -5.68
N ARG A 55 -12.20 -0.90 -4.56
CA ARG A 55 -12.34 0.07 -3.47
C ARG A 55 -11.17 1.06 -3.49
N TYR A 56 -11.35 2.14 -4.24
CA TYR A 56 -10.31 3.18 -4.35
C TYR A 56 -10.28 4.04 -3.09
N GLU A 57 -11.47 4.27 -2.53
CA GLU A 57 -11.59 5.08 -1.33
C GLU A 57 -10.93 4.40 -0.13
N GLU A 58 -11.24 3.13 0.05
CA GLU A 58 -10.68 2.37 1.17
C GLU A 58 -9.17 2.25 1.01
N ALA A 59 -8.72 1.91 -0.19
CA ALA A 59 -7.30 1.76 -0.45
C ALA A 59 -6.55 3.05 -0.10
N VAL A 60 -7.11 4.18 -0.51
CA VAL A 60 -6.49 5.47 -0.22
C VAL A 60 -6.39 5.67 1.29
N ASP A 61 -7.39 5.22 2.04
CA ASP A 61 -7.38 5.36 3.49
C ASP A 61 -6.16 4.68 4.09
N CYS A 62 -5.76 3.56 3.51
CA CYS A 62 -4.60 2.83 4.00
C CYS A 62 -3.33 3.59 3.68
N TYR A 63 -3.18 4.01 2.43
CA TYR A 63 -1.99 4.77 2.03
C TYR A 63 -1.75 5.92 3.01
N ASN A 64 -2.81 6.65 3.34
CA ASN A 64 -2.68 7.77 4.25
C ASN A 64 -2.16 7.31 5.60
N TYR A 65 -2.48 6.06 5.95
CA TYR A 65 -2.03 5.53 7.23
C TYR A 65 -0.51 5.59 7.32
N VAL A 66 0.15 5.10 6.28
CA VAL A 66 1.62 5.10 6.25
C VAL A 66 2.15 6.53 6.21
N ILE A 67 1.57 7.37 5.36
CA ILE A 67 2.01 8.75 5.23
C ILE A 67 1.63 9.55 6.48
N ASN A 68 0.58 9.12 7.16
CA ASN A 68 0.12 9.81 8.38
C ASN A 68 0.84 9.29 9.61
N VAL A 69 0.53 8.04 9.96
CA VAL A 69 1.15 7.43 11.13
C VAL A 69 2.67 7.54 11.05
N ILE A 70 3.25 7.18 9.92
CA ILE A 70 4.71 7.24 9.72
C ILE A 70 5.06 8.42 8.83
N GLU A 71 5.89 9.33 9.32
CA GLU A 71 6.29 10.51 8.55
C GLU A 71 6.99 10.10 7.27
N ASP A 72 7.64 8.94 7.28
CA ASP A 72 8.35 8.44 6.10
C ASP A 72 7.46 8.48 4.87
N GLU A 73 7.44 9.62 4.19
CA GLU A 73 6.63 9.81 2.98
C GLU A 73 7.51 9.67 1.73
N TYR A 74 8.81 9.48 1.94
CA TYR A 74 9.75 9.34 0.83
C TYR A 74 9.80 7.89 0.34
N ASN A 75 8.62 7.29 0.19
CA ASN A 75 8.52 5.91 -0.27
C ASN A 75 8.04 5.87 -1.72
N LYS A 76 8.96 5.57 -2.63
CA LYS A 76 8.65 5.50 -4.05
C LYS A 76 7.62 4.39 -4.31
N ASP A 77 7.75 3.30 -3.56
CA ASP A 77 6.83 2.18 -3.73
C ASP A 77 5.43 2.53 -3.25
N VAL A 78 5.35 3.12 -2.06
CA VAL A 78 4.05 3.50 -1.51
C VAL A 78 3.38 4.55 -2.38
N TRP A 79 4.09 5.63 -2.69
CA TRP A 79 3.54 6.69 -3.53
C TRP A 79 3.13 6.12 -4.89
N ALA A 80 3.97 5.27 -5.47
CA ALA A 80 3.68 4.69 -6.77
C ALA A 80 2.41 3.85 -6.70
N ALA A 81 2.24 3.13 -5.59
CA ALA A 81 1.06 2.29 -5.42
C ALA A 81 -0.21 3.13 -5.44
N LYS A 82 -0.19 4.26 -4.75
CA LYS A 82 -1.36 5.14 -4.70
C LYS A 82 -1.74 5.59 -6.11
N ALA A 83 -0.73 5.90 -6.92
CA ALA A 83 -0.99 6.35 -8.29
C ALA A 83 -1.93 5.40 -9.01
N ASP A 84 -1.65 4.10 -8.91
CA ASP A 84 -2.48 3.12 -9.56
C ASP A 84 -3.94 3.26 -9.08
N ALA A 85 -4.12 3.48 -7.79
CA ALA A 85 -5.46 3.64 -7.23
C ALA A 85 -6.12 4.90 -7.78
N LEU A 86 -5.35 5.98 -7.87
CA LEU A 86 -5.85 7.24 -8.38
C LEU A 86 -6.18 7.12 -9.86
N ARG A 87 -5.58 6.13 -10.52
CA ARG A 87 -5.84 5.95 -11.96
C ARG A 87 -7.24 5.35 -12.18
N TYR A 88 -8.14 5.60 -11.24
CA TYR A 88 -9.51 5.11 -11.32
C TYR A 88 -10.45 5.95 -10.44
N ILE A 89 -10.10 7.21 -10.22
CA ILE A 89 -10.91 8.13 -9.41
C ILE A 89 -11.15 9.43 -10.15
N GLU A 90 -12.38 9.94 -10.08
CA GLU A 90 -12.73 11.19 -10.75
C GLU A 90 -12.32 12.38 -9.90
N GLY A 91 -12.08 13.52 -10.55
CA GLY A 91 -11.67 14.74 -9.84
C GLY A 91 -11.09 15.76 -10.81
N LYS A 92 -10.81 16.96 -10.31
CA LYS A 92 -10.26 18.02 -11.15
C LYS A 92 -8.79 17.73 -11.47
N GLU A 93 -8.37 18.11 -12.67
CA GLU A 93 -6.99 17.90 -13.11
C GLU A 93 -6.64 16.41 -13.07
N VAL A 94 -5.71 16.01 -13.92
CA VAL A 94 -5.29 14.61 -13.95
C VAL A 94 -4.54 14.25 -12.67
N GLU A 95 -5.29 13.74 -11.68
CA GLU A 95 -4.68 13.36 -10.41
C GLU A 95 -3.63 12.27 -10.62
N ALA A 96 -3.99 11.24 -11.38
CA ALA A 96 -3.07 10.13 -11.64
C ALA A 96 -1.73 10.66 -12.17
N GLU A 97 -1.77 11.81 -12.83
CA GLU A 97 -0.55 12.40 -13.38
C GLU A 97 0.29 13.02 -12.26
N ILE A 98 -0.37 13.71 -11.34
CA ILE A 98 0.33 14.35 -10.24
C ILE A 98 1.07 13.30 -9.41
N ALA A 99 0.38 12.22 -9.06
CA ALA A 99 1.00 11.17 -8.27
C ALA A 99 2.07 10.45 -9.06
N GLU A 100 1.74 10.12 -10.30
CA GLU A 100 2.68 9.41 -11.16
C GLU A 100 3.97 10.23 -11.31
N ALA A 101 3.82 11.52 -11.59
CA ALA A 101 4.98 12.39 -11.75
C ALA A 101 5.72 12.57 -10.42
N ARG A 102 4.97 12.81 -9.34
CA ARG A 102 5.58 12.99 -8.03
C ARG A 102 6.36 11.74 -7.62
N ALA A 103 5.86 10.56 -7.95
CA ALA A 103 6.53 9.32 -7.61
C ALA A 103 7.89 9.22 -8.29
N LYS A 104 7.94 9.63 -9.55
CA LYS A 104 9.19 9.59 -10.34
C LYS A 104 9.94 10.92 -10.23
N LEU A 105 9.25 11.95 -9.75
CA LEU A 105 9.87 13.28 -9.61
C LEU A 105 10.21 13.54 -8.14
N GLU A 106 11.50 13.64 -7.86
CA GLU A 106 11.98 13.88 -6.49
C GLU A 106 13.23 14.74 -6.51
N HIS A 107 13.84 14.88 -7.69
CA HIS A 107 15.05 15.68 -7.83
C HIS A 107 14.70 17.17 -7.91
N HIS A 108 15.71 18.02 -7.83
CA HIS A 108 15.50 19.47 -7.89
C HIS A 108 15.22 19.90 -9.32
N HIS A 109 14.34 20.90 -9.48
CA HIS A 109 14.00 21.40 -10.81
C HIS A 109 15.20 22.09 -11.45
N HIS A 110 15.94 22.83 -10.65
CA HIS A 110 17.11 23.55 -11.15
C HIS A 110 18.23 22.56 -11.48
N HIS A 111 18.62 22.53 -12.76
CA HIS A 111 19.68 21.64 -13.20
C HIS A 111 21.02 22.07 -12.61
N HIS A 112 21.26 23.38 -12.58
CA HIS A 112 22.51 23.89 -12.04
C HIS A 112 22.67 23.49 -10.58
N MET A 1 13.28 -11.17 17.78
CA MET A 1 11.93 -11.69 17.43
C MET A 1 10.88 -10.64 17.75
N VAL A 2 11.20 -9.77 18.70
CA VAL A 2 10.28 -8.70 19.09
C VAL A 2 10.09 -7.72 17.96
N ASP A 3 11.10 -7.57 17.10
CA ASP A 3 11.02 -6.64 15.98
C ASP A 3 9.92 -7.07 15.03
N GLN A 4 9.83 -8.37 14.78
CA GLN A 4 8.81 -8.92 13.87
C GLN A 4 8.21 -10.18 14.48
N ASN A 5 6.97 -10.04 14.96
CA ASN A 5 6.27 -11.17 15.57
C ASN A 5 5.47 -11.99 14.55
N PRO A 6 4.96 -11.38 13.51
CA PRO A 6 4.17 -12.11 12.48
C PRO A 6 5.07 -12.76 11.43
N GLU A 7 6.04 -13.56 11.86
CA GLU A 7 6.94 -14.23 10.94
C GLU A 7 6.24 -15.37 10.23
N GLU A 8 5.49 -16.16 10.98
CA GLU A 8 4.75 -17.28 10.42
C GLU A 8 3.59 -16.80 9.55
N TYR A 9 2.99 -15.68 9.95
CA TYR A 9 1.85 -15.10 9.24
C TYR A 9 2.18 -14.95 7.77
N TYR A 10 3.46 -14.88 7.42
CA TYR A 10 3.90 -14.75 6.05
C TYR A 10 3.21 -15.81 5.18
N LEU A 11 2.73 -16.88 5.79
CA LEU A 11 2.07 -17.95 5.05
C LEU A 11 1.13 -17.39 4.00
N GLU A 12 0.68 -16.16 4.26
CA GLU A 12 -0.23 -15.51 3.33
C GLU A 12 0.36 -15.46 1.93
N GLY A 13 1.58 -14.93 1.85
CA GLY A 13 2.28 -14.83 0.55
C GLY A 13 1.91 -15.99 -0.37
N VAL A 14 1.70 -17.16 0.21
CA VAL A 14 1.31 -18.34 -0.56
C VAL A 14 -0.15 -18.25 -0.97
N LEU A 15 -1.04 -17.98 -0.02
CA LEU A 15 -2.48 -17.89 -0.31
C LEU A 15 -2.72 -17.09 -1.58
N GLN A 16 -2.41 -15.80 -1.55
CA GLN A 16 -2.61 -14.96 -2.74
C GLN A 16 -2.01 -15.64 -3.97
N TYR A 17 -0.73 -15.97 -3.94
CA TYR A 17 -0.08 -16.63 -5.07
C TYR A 17 -0.89 -17.83 -5.54
N ASP A 18 -1.05 -18.81 -4.66
CA ASP A 18 -1.83 -20.01 -5.00
C ASP A 18 -3.33 -19.70 -4.99
N ALA A 19 -3.91 -19.64 -3.79
CA ALA A 19 -5.32 -19.35 -3.64
C ALA A 19 -5.63 -17.90 -3.99
N GLY A 20 -6.18 -17.67 -5.18
CA GLY A 20 -6.51 -16.33 -5.65
C GLY A 20 -7.62 -15.71 -4.80
N ASN A 21 -7.27 -15.31 -3.58
CA ASN A 21 -8.24 -14.71 -2.67
C ASN A 21 -7.62 -13.53 -1.95
N TYR A 22 -7.22 -12.53 -2.72
CA TYR A 22 -6.61 -11.32 -2.14
C TYR A 22 -7.39 -10.88 -0.90
N THR A 23 -8.70 -11.07 -0.95
CA THR A 23 -9.55 -10.69 0.20
C THR A 23 -9.13 -11.48 1.43
N GLU A 24 -9.01 -12.79 1.31
CA GLU A 24 -8.60 -13.61 2.45
C GLU A 24 -7.29 -13.13 3.05
N SER A 25 -6.33 -12.82 2.19
CA SER A 25 -5.03 -12.37 2.66
C SER A 25 -5.18 -11.19 3.62
N ILE A 26 -6.29 -10.46 3.49
CA ILE A 26 -6.52 -9.31 4.37
C ILE A 26 -6.53 -9.74 5.83
N ASP A 27 -7.15 -10.88 6.10
CA ASP A 27 -7.24 -11.36 7.46
C ASP A 27 -5.85 -11.54 8.04
N LEU A 28 -4.97 -12.10 7.23
CA LEU A 28 -3.59 -12.31 7.69
C LEU A 28 -2.86 -10.98 7.86
N PHE A 29 -3.02 -10.09 6.88
CA PHE A 29 -2.35 -8.80 6.97
C PHE A 29 -2.81 -8.05 8.23
N GLU A 30 -4.12 -7.99 8.44
CA GLU A 30 -4.65 -7.29 9.61
C GLU A 30 -4.03 -7.85 10.89
N LYS A 31 -3.85 -9.16 10.94
CA LYS A 31 -3.27 -9.78 12.13
C LYS A 31 -1.88 -9.22 12.40
N ALA A 32 -1.08 -9.06 11.35
CA ALA A 32 0.26 -8.54 11.53
C ALA A 32 0.23 -7.16 12.19
N ILE A 33 -0.68 -6.32 11.71
CA ILE A 33 -0.81 -4.97 12.26
C ILE A 33 -1.14 -5.05 13.75
N GLN A 34 -2.07 -5.92 14.12
CA GLN A 34 -2.46 -6.06 15.52
C GLN A 34 -1.24 -6.34 16.39
N LEU A 35 -0.41 -7.27 15.94
CA LEU A 35 0.79 -7.62 16.70
C LEU A 35 1.78 -6.45 16.69
N ASP A 36 1.95 -5.84 15.52
CA ASP A 36 2.87 -4.72 15.36
C ASP A 36 2.29 -3.65 14.45
N PRO A 37 1.63 -2.66 15.00
CA PRO A 37 1.04 -1.57 14.18
C PRO A 37 2.02 -0.44 13.92
N GLU A 38 3.18 -0.78 13.36
CA GLU A 38 4.22 0.20 13.05
C GLU A 38 5.09 -0.30 11.90
N GLU A 39 4.49 -1.00 10.95
CA GLU A 39 5.22 -1.53 9.79
C GLU A 39 4.56 -1.07 8.49
N SER A 40 5.26 -0.23 7.75
CA SER A 40 4.76 0.29 6.48
C SER A 40 4.68 -0.81 5.43
N LYS A 41 5.74 -1.61 5.34
CA LYS A 41 5.80 -2.71 4.36
C LYS A 41 4.54 -3.55 4.45
N TYR A 42 4.02 -3.76 5.66
CA TYR A 42 2.81 -4.55 5.87
C TYR A 42 1.57 -3.75 5.49
N TRP A 43 1.62 -2.45 5.76
CA TRP A 43 0.49 -1.57 5.44
C TRP A 43 0.44 -1.29 3.93
N LEU A 44 1.62 -1.20 3.33
CA LEU A 44 1.69 -0.92 1.91
C LEU A 44 0.95 -1.99 1.12
N MET A 45 1.09 -3.23 1.56
CA MET A 45 0.42 -4.33 0.87
C MET A 45 -1.09 -4.21 1.00
N LYS A 46 -1.53 -3.82 2.19
CA LYS A 46 -2.96 -3.69 2.43
C LYS A 46 -3.59 -2.73 1.43
N GLY A 47 -2.95 -1.58 1.21
CA GLY A 47 -3.48 -0.59 0.28
C GLY A 47 -3.68 -1.21 -1.11
N LYS A 48 -2.68 -1.93 -1.59
CA LYS A 48 -2.77 -2.58 -2.90
C LYS A 48 -3.92 -3.58 -2.93
N ALA A 49 -4.18 -4.23 -1.79
CA ALA A 49 -5.24 -5.21 -1.71
C ALA A 49 -6.61 -4.54 -1.86
N LEU A 50 -6.81 -3.49 -1.06
CA LEU A 50 -8.07 -2.76 -1.10
C LEU A 50 -8.27 -2.10 -2.46
N TYR A 51 -7.20 -1.55 -3.01
CA TYR A 51 -7.28 -0.88 -4.30
C TYR A 51 -7.75 -1.86 -5.37
N ASN A 52 -7.10 -3.02 -5.46
CA ASN A 52 -7.46 -4.01 -6.45
C ASN A 52 -8.89 -4.49 -6.24
N LEU A 53 -9.36 -4.38 -5.00
CA LEU A 53 -10.70 -4.80 -4.64
C LEU A 53 -11.74 -3.78 -5.09
N GLU A 54 -11.32 -2.87 -5.96
CA GLU A 54 -12.19 -1.82 -6.50
C GLU A 54 -12.48 -0.77 -5.44
N ARG A 55 -11.81 -0.87 -4.29
CA ARG A 55 -12.00 0.06 -3.20
C ARG A 55 -10.98 1.19 -3.28
N TYR A 56 -11.08 1.99 -4.34
CA TYR A 56 -10.16 3.10 -4.53
C TYR A 56 -10.19 4.03 -3.33
N GLU A 57 -11.38 4.26 -2.81
CA GLU A 57 -11.53 5.14 -1.64
C GLU A 57 -10.90 4.51 -0.41
N GLU A 58 -11.28 3.26 -0.13
CA GLU A 58 -10.77 2.58 1.05
C GLU A 58 -9.25 2.46 0.97
N ALA A 59 -8.74 2.11 -0.21
CA ALA A 59 -7.31 1.97 -0.40
C ALA A 59 -6.60 3.28 -0.12
N VAL A 60 -7.17 4.38 -0.62
CA VAL A 60 -6.59 5.70 -0.40
C VAL A 60 -6.48 5.98 1.09
N ASP A 61 -7.51 5.63 1.86
CA ASP A 61 -7.50 5.87 3.29
C ASP A 61 -6.35 5.11 3.95
N CYS A 62 -6.04 3.93 3.43
CA CYS A 62 -4.94 3.15 3.98
C CYS A 62 -3.60 3.81 3.67
N TYR A 63 -3.37 4.10 2.40
CA TYR A 63 -2.11 4.73 2.01
C TYR A 63 -1.86 6.00 2.85
N ASN A 64 -2.92 6.77 3.06
CA ASN A 64 -2.79 8.00 3.84
C ASN A 64 -2.35 7.68 5.27
N TYR A 65 -2.80 6.53 5.76
CA TYR A 65 -2.44 6.12 7.12
C TYR A 65 -0.93 6.07 7.27
N VAL A 66 -0.25 5.51 6.27
CA VAL A 66 1.21 5.42 6.31
C VAL A 66 1.85 6.80 6.17
N ILE A 67 1.34 7.60 5.24
CA ILE A 67 1.87 8.94 5.00
C ILE A 67 1.50 9.86 6.15
N ASN A 68 0.40 9.54 6.84
CA ASN A 68 -0.06 10.35 7.97
C ASN A 68 0.59 9.90 9.26
N VAL A 69 0.21 8.73 9.73
CA VAL A 69 0.75 8.19 10.98
C VAL A 69 2.27 8.25 10.95
N ILE A 70 2.88 7.84 9.83
CA ILE A 70 4.33 7.84 9.69
C ILE A 70 4.74 8.95 8.74
N GLU A 71 5.57 9.88 9.22
CA GLU A 71 6.04 10.99 8.42
C GLU A 71 7.11 10.52 7.42
N ASP A 72 7.16 9.22 7.17
CA ASP A 72 8.12 8.65 6.24
C ASP A 72 7.77 9.03 4.80
N GLU A 73 7.36 10.28 4.59
CA GLU A 73 6.99 10.75 3.26
C GLU A 73 8.17 10.68 2.32
N TYR A 74 8.52 9.45 1.92
CA TYR A 74 9.62 9.23 1.00
C TYR A 74 9.62 7.81 0.48
N ASN A 75 8.43 7.26 0.29
CA ASN A 75 8.28 5.88 -0.21
C ASN A 75 7.76 5.90 -1.65
N LYS A 76 8.63 5.56 -2.59
CA LYS A 76 8.28 5.53 -4.01
C LYS A 76 7.22 4.47 -4.28
N ASP A 77 7.33 3.34 -3.57
CA ASP A 77 6.38 2.26 -3.74
C ASP A 77 4.97 2.70 -3.34
N VAL A 78 4.87 3.42 -2.23
CA VAL A 78 3.57 3.89 -1.76
C VAL A 78 2.97 4.89 -2.75
N TRP A 79 3.78 5.85 -3.20
CA TRP A 79 3.32 6.85 -4.15
C TRP A 79 2.85 6.19 -5.44
N ALA A 80 3.64 5.25 -5.95
CA ALA A 80 3.27 4.56 -7.18
C ALA A 80 1.95 3.80 -7.00
N ALA A 81 1.79 3.13 -5.87
CA ALA A 81 0.57 2.38 -5.60
C ALA A 81 -0.63 3.31 -5.55
N LYS A 82 -0.48 4.43 -4.84
CA LYS A 82 -1.58 5.40 -4.71
C LYS A 82 -1.96 5.95 -6.08
N ALA A 83 -0.95 6.25 -6.90
CA ALA A 83 -1.20 6.79 -8.23
C ALA A 83 -2.19 5.91 -8.99
N ASP A 84 -1.94 4.61 -8.97
CA ASP A 84 -2.83 3.67 -9.66
C ASP A 84 -4.26 3.84 -9.16
N ALA A 85 -4.42 4.02 -7.86
CA ALA A 85 -5.75 4.20 -7.28
C ALA A 85 -6.38 5.50 -7.77
N LEU A 86 -5.57 6.55 -7.83
CA LEU A 86 -6.05 7.85 -8.28
C LEU A 86 -6.46 7.81 -9.75
N ARG A 87 -5.65 7.11 -10.55
CA ARG A 87 -5.94 6.99 -11.98
C ARG A 87 -7.34 6.41 -12.20
N TYR A 88 -8.00 6.02 -11.12
CA TYR A 88 -9.35 5.45 -11.20
C TYR A 88 -10.18 5.91 -10.01
N ILE A 89 -10.30 7.22 -9.83
CA ILE A 89 -11.08 7.80 -8.73
C ILE A 89 -12.06 8.85 -9.26
N GLU A 90 -13.27 8.87 -8.72
CA GLU A 90 -14.28 9.83 -9.13
C GLU A 90 -13.78 11.26 -8.92
N GLY A 91 -14.12 12.15 -9.85
CA GLY A 91 -13.69 13.55 -9.75
C GLY A 91 -12.21 13.69 -10.06
N LYS A 92 -11.82 13.33 -11.28
CA LYS A 92 -10.43 13.42 -11.68
C LYS A 92 -10.08 14.86 -12.03
N GLU A 93 -9.41 15.54 -11.11
CA GLU A 93 -9.01 16.94 -11.31
C GLU A 93 -7.50 17.05 -11.40
N VAL A 94 -6.95 16.58 -12.52
CA VAL A 94 -5.51 16.63 -12.75
C VAL A 94 -4.78 15.94 -11.59
N GLU A 95 -5.52 15.31 -10.70
CA GLU A 95 -4.93 14.62 -9.57
C GLU A 95 -4.10 13.43 -10.04
N ALA A 96 -4.67 12.61 -10.91
CA ALA A 96 -3.98 11.45 -11.43
C ALA A 96 -2.66 11.84 -12.09
N GLU A 97 -2.69 12.93 -12.85
CA GLU A 97 -1.48 13.40 -13.52
C GLU A 97 -0.43 13.84 -12.50
N ILE A 98 -0.84 14.65 -11.53
CA ILE A 98 0.08 15.13 -10.50
C ILE A 98 0.69 13.94 -9.74
N ALA A 99 -0.13 12.96 -9.39
CA ALA A 99 0.36 11.80 -8.67
C ALA A 99 1.33 11.00 -9.52
N GLU A 100 0.92 10.74 -10.75
CA GLU A 100 1.78 9.98 -11.66
C GLU A 100 3.13 10.66 -11.84
N ALA A 101 3.09 11.96 -12.11
CA ALA A 101 4.33 12.71 -12.30
C ALA A 101 5.10 12.84 -11.00
N ARG A 102 4.39 13.11 -9.90
CA ARG A 102 5.02 13.25 -8.59
C ARG A 102 5.65 11.93 -8.16
N ALA A 103 4.95 10.82 -8.40
CA ALA A 103 5.46 9.50 -8.02
C ALA A 103 6.67 9.11 -8.88
N LYS A 104 6.56 9.37 -10.18
CA LYS A 104 7.64 9.05 -11.11
C LYS A 104 8.86 9.91 -10.84
N LEU A 105 8.63 11.20 -10.61
CA LEU A 105 9.73 12.10 -10.33
C LEU A 105 10.38 11.77 -8.99
N GLU A 106 11.50 11.06 -9.04
CA GLU A 106 12.21 10.67 -7.82
C GLU A 106 12.90 11.88 -7.20
N HIS A 107 13.47 12.74 -8.03
CA HIS A 107 14.16 13.93 -7.54
C HIS A 107 14.39 14.90 -8.69
N HIS A 108 14.73 16.14 -8.36
CA HIS A 108 14.96 17.17 -9.38
C HIS A 108 15.97 18.19 -8.86
N HIS A 109 17.09 18.35 -9.58
CA HIS A 109 18.12 19.29 -9.17
C HIS A 109 17.61 20.72 -9.30
N HIS A 110 16.89 21.00 -10.38
CA HIS A 110 16.35 22.34 -10.61
C HIS A 110 15.15 22.28 -11.55
N HIS A 111 14.23 21.35 -11.26
CA HIS A 111 13.03 21.20 -12.08
C HIS A 111 13.40 21.10 -13.56
N HIS A 112 12.39 20.97 -14.41
CA HIS A 112 12.61 20.87 -15.85
C HIS A 112 11.29 21.00 -16.61
N MET A 1 11.26 -11.49 25.12
CA MET A 1 10.46 -10.39 24.53
C MET A 1 9.08 -10.92 24.17
N VAL A 2 8.04 -10.12 24.39
CA VAL A 2 6.69 -10.52 24.07
C VAL A 2 6.50 -10.67 22.57
N ASP A 3 7.14 -9.79 21.80
CA ASP A 3 7.04 -9.84 20.35
C ASP A 3 7.65 -11.13 19.80
N GLN A 4 7.01 -11.69 18.78
CA GLN A 4 7.47 -12.94 18.15
C GLN A 4 7.65 -12.73 16.66
N ASN A 5 7.60 -11.47 16.24
CA ASN A 5 7.76 -11.12 14.82
C ASN A 5 6.73 -11.84 13.94
N PRO A 6 5.66 -11.19 13.56
CA PRO A 6 4.62 -11.83 12.69
C PRO A 6 5.04 -11.87 11.23
N GLU A 7 6.33 -11.99 10.96
CA GLU A 7 6.84 -12.03 9.61
C GLU A 7 6.36 -13.30 8.90
N GLU A 8 5.88 -14.27 9.68
CA GLU A 8 5.39 -15.52 9.13
C GLU A 8 4.05 -15.30 8.44
N TYR A 9 3.26 -14.37 8.95
CA TYR A 9 1.95 -14.07 8.38
C TYR A 9 2.09 -13.66 6.92
N TYR A 10 3.26 -13.16 6.53
CA TYR A 10 3.52 -12.74 5.16
C TYR A 10 3.09 -13.82 4.17
N LEU A 11 2.91 -15.05 4.66
CA LEU A 11 2.51 -16.17 3.82
C LEU A 11 1.45 -15.75 2.81
N GLU A 12 0.76 -14.67 3.16
CA GLU A 12 -0.28 -14.16 2.29
C GLU A 12 0.28 -13.83 0.91
N GLY A 13 1.38 -13.08 0.92
CA GLY A 13 2.03 -12.69 -0.32
C GLY A 13 1.98 -13.82 -1.35
N VAL A 14 2.19 -15.05 -0.89
CA VAL A 14 2.15 -16.19 -1.79
C VAL A 14 0.75 -16.41 -2.32
N LEU A 15 -0.22 -16.62 -1.44
CA LEU A 15 -1.60 -16.86 -1.85
C LEU A 15 -2.00 -15.89 -2.97
N GLN A 16 -2.02 -14.58 -2.66
CA GLN A 16 -2.37 -13.59 -3.66
C GLN A 16 -1.56 -13.80 -4.95
N TYR A 17 -0.23 -13.85 -4.84
CA TYR A 17 0.61 -14.06 -6.00
C TYR A 17 0.11 -15.25 -6.83
N ASP A 18 0.10 -16.43 -6.21
CA ASP A 18 -0.36 -17.63 -6.91
C ASP A 18 -1.85 -17.54 -7.21
N ALA A 19 -2.66 -17.57 -6.16
CA ALA A 19 -4.12 -17.48 -6.28
C ALA A 19 -4.60 -16.07 -5.94
N GLY A 20 -5.59 -15.97 -5.04
CA GLY A 20 -6.14 -14.68 -4.62
C GLY A 20 -6.15 -14.57 -3.10
N ASN A 21 -7.27 -14.94 -2.48
CA ASN A 21 -7.39 -14.87 -1.03
C ASN A 21 -7.15 -13.45 -0.55
N TYR A 22 -7.62 -12.48 -1.33
CA TYR A 22 -7.44 -11.08 -0.97
C TYR A 22 -8.20 -10.77 0.33
N THR A 23 -9.49 -11.08 0.33
CA THR A 23 -10.30 -10.83 1.52
C THR A 23 -9.83 -11.69 2.69
N GLU A 24 -9.52 -12.96 2.41
CA GLU A 24 -9.05 -13.86 3.47
C GLU A 24 -7.74 -13.37 4.06
N SER A 25 -6.81 -12.97 3.20
CA SER A 25 -5.50 -12.50 3.66
C SER A 25 -5.67 -11.39 4.68
N ILE A 26 -6.76 -10.65 4.60
CA ILE A 26 -7.02 -9.56 5.54
C ILE A 26 -6.89 -10.05 6.98
N ASP A 27 -7.30 -11.29 7.20
CA ASP A 27 -7.25 -11.85 8.54
C ASP A 27 -5.80 -12.00 8.99
N LEU A 28 -5.00 -12.62 8.13
CA LEU A 28 -3.60 -12.82 8.47
C LEU A 28 -2.90 -11.48 8.69
N PHE A 29 -3.07 -10.55 7.77
CA PHE A 29 -2.46 -9.23 7.91
C PHE A 29 -2.99 -8.52 9.16
N GLU A 30 -4.31 -8.53 9.33
CA GLU A 30 -4.93 -7.86 10.47
C GLU A 30 -4.28 -8.32 11.77
N LYS A 31 -3.96 -9.62 11.83
CA LYS A 31 -3.33 -10.17 13.02
C LYS A 31 -1.93 -9.60 13.21
N ALA A 32 -1.20 -9.45 12.11
CA ALA A 32 0.16 -8.93 12.18
C ALA A 32 0.20 -7.59 12.90
N ILE A 33 -0.70 -6.70 12.49
CA ILE A 33 -0.80 -5.38 13.10
C ILE A 33 -1.18 -5.51 14.57
N GLN A 34 -2.04 -6.47 14.89
CA GLN A 34 -2.49 -6.67 16.26
C GLN A 34 -1.30 -6.92 17.19
N LEU A 35 -0.37 -7.73 16.71
CA LEU A 35 0.83 -8.05 17.49
C LEU A 35 1.77 -6.85 17.53
N ASP A 36 1.89 -6.16 16.40
CA ASP A 36 2.78 -4.99 16.31
C ASP A 36 2.21 -3.94 15.35
N PRO A 37 1.58 -2.92 15.87
CA PRO A 37 0.99 -1.85 15.00
C PRO A 37 2.02 -0.79 14.63
N GLU A 38 2.82 -1.05 13.60
CA GLU A 38 3.85 -0.14 13.13
C GLU A 38 4.51 -0.66 11.87
N GLU A 39 4.22 -1.90 11.50
CA GLU A 39 4.78 -2.53 10.30
C GLU A 39 4.19 -1.91 9.04
N SER A 40 4.90 -0.96 8.45
CA SER A 40 4.44 -0.30 7.24
C SER A 40 4.33 -1.29 6.08
N LYS A 41 5.37 -2.10 5.91
CA LYS A 41 5.39 -3.10 4.83
C LYS A 41 4.10 -3.91 4.82
N TYR A 42 3.49 -4.09 5.98
CA TYR A 42 2.23 -4.83 6.10
C TYR A 42 1.05 -3.97 5.66
N TRP A 43 1.13 -2.68 5.97
CA TRP A 43 0.05 -1.75 5.61
C TRP A 43 0.00 -1.59 4.10
N LEU A 44 1.14 -1.72 3.46
CA LEU A 44 1.21 -1.56 2.02
C LEU A 44 0.21 -2.49 1.34
N MET A 45 0.13 -3.72 1.84
CA MET A 45 -0.77 -4.69 1.25
C MET A 45 -2.22 -4.22 1.40
N LYS A 46 -2.52 -3.67 2.57
CA LYS A 46 -3.87 -3.20 2.82
C LYS A 46 -4.35 -2.28 1.70
N GLY A 47 -3.62 -1.20 1.46
CA GLY A 47 -4.00 -0.25 0.41
C GLY A 47 -4.09 -0.95 -0.95
N LYS A 48 -3.04 -1.69 -1.30
CA LYS A 48 -3.01 -2.40 -2.57
C LYS A 48 -4.22 -3.32 -2.69
N ALA A 49 -4.58 -3.97 -1.60
CA ALA A 49 -5.73 -4.89 -1.61
C ALA A 49 -7.02 -4.13 -1.87
N LEU A 50 -7.21 -3.04 -1.13
CA LEU A 50 -8.41 -2.23 -1.27
C LEU A 50 -8.50 -1.67 -2.69
N TYR A 51 -7.37 -1.21 -3.21
CA TYR A 51 -7.34 -0.65 -4.56
C TYR A 51 -7.72 -1.73 -5.59
N ASN A 52 -7.09 -2.89 -5.50
CA ASN A 52 -7.36 -3.97 -6.43
C ASN A 52 -8.80 -4.43 -6.32
N LEU A 53 -9.35 -4.31 -5.12
CA LEU A 53 -10.73 -4.70 -4.87
C LEU A 53 -11.67 -3.70 -5.48
N GLU A 54 -11.14 -2.68 -6.14
CA GLU A 54 -11.97 -1.63 -6.77
C GLU A 54 -12.43 -0.61 -5.75
N ARG A 55 -11.71 -0.49 -4.63
CA ARG A 55 -12.09 0.44 -3.57
C ARG A 55 -11.09 1.58 -3.51
N TYR A 56 -11.15 2.45 -4.53
CA TYR A 56 -10.24 3.57 -4.60
C TYR A 56 -10.38 4.44 -3.35
N GLU A 57 -11.62 4.62 -2.90
CA GLU A 57 -11.88 5.42 -1.73
C GLU A 57 -11.22 4.82 -0.49
N GLU A 58 -11.47 3.52 -0.28
CA GLU A 58 -10.89 2.84 0.88
C GLU A 58 -9.39 2.76 0.75
N ALA A 59 -8.91 2.53 -0.48
CA ALA A 59 -7.48 2.43 -0.73
C ALA A 59 -6.77 3.74 -0.40
N VAL A 60 -7.29 4.83 -0.96
CA VAL A 60 -6.72 6.14 -0.71
C VAL A 60 -6.75 6.46 0.78
N ASP A 61 -7.87 6.16 1.44
CA ASP A 61 -7.99 6.43 2.87
C ASP A 61 -7.00 5.59 3.67
N CYS A 62 -6.78 4.35 3.24
CA CYS A 62 -5.85 3.47 3.92
C CYS A 62 -4.42 3.93 3.68
N TYR A 63 -4.07 4.11 2.41
CA TYR A 63 -2.71 4.54 2.07
C TYR A 63 -2.32 5.76 2.91
N ASN A 64 -3.25 6.70 3.06
CA ASN A 64 -2.99 7.91 3.82
C ASN A 64 -2.58 7.55 5.24
N TYR A 65 -3.01 6.38 5.68
CA TYR A 65 -2.69 5.93 7.02
C TYR A 65 -1.18 5.84 7.19
N VAL A 66 -0.50 5.26 6.20
CA VAL A 66 0.95 5.13 6.27
C VAL A 66 1.62 6.49 6.19
N ILE A 67 1.19 7.33 5.25
CA ILE A 67 1.77 8.66 5.08
C ILE A 67 1.42 9.53 6.28
N ASN A 68 0.21 9.40 6.80
CA ASN A 68 -0.23 10.19 7.94
C ASN A 68 0.39 9.68 9.23
N VAL A 69 -0.05 8.52 9.67
CA VAL A 69 0.47 7.93 10.91
C VAL A 69 1.99 7.95 10.90
N ILE A 70 2.59 7.53 9.79
CA ILE A 70 4.05 7.49 9.65
C ILE A 70 4.50 8.52 8.62
N GLU A 71 5.49 9.33 8.97
CA GLU A 71 6.01 10.35 8.07
C GLU A 71 6.94 9.72 7.04
N ASP A 72 6.77 8.43 6.77
CA ASP A 72 7.60 7.72 5.81
C ASP A 72 7.22 8.11 4.39
N GLU A 73 6.61 9.28 4.22
CA GLU A 73 6.18 9.77 2.91
C GLU A 73 7.37 9.82 1.96
N TYR A 74 7.74 8.66 1.42
CA TYR A 74 8.85 8.57 0.49
C TYR A 74 8.87 7.22 -0.21
N ASN A 75 8.39 6.19 0.48
CA ASN A 75 8.35 4.84 -0.06
C ASN A 75 7.87 4.86 -1.52
N LYS A 76 8.77 4.54 -2.43
CA LYS A 76 8.45 4.53 -3.86
C LYS A 76 7.36 3.52 -4.15
N ASP A 77 7.40 2.39 -3.44
CA ASP A 77 6.40 1.35 -3.64
C ASP A 77 5.01 1.83 -3.23
N VAL A 78 4.93 2.47 -2.06
CA VAL A 78 3.66 2.97 -1.56
C VAL A 78 3.12 4.07 -2.48
N TRP A 79 3.97 5.04 -2.81
CA TRP A 79 3.57 6.13 -3.68
C TRP A 79 3.12 5.61 -5.03
N ALA A 80 3.92 4.71 -5.63
CA ALA A 80 3.58 4.15 -6.92
C ALA A 80 2.25 3.41 -6.85
N ALA A 81 2.04 2.68 -5.76
CA ALA A 81 0.80 1.93 -5.59
C ALA A 81 -0.41 2.86 -5.58
N LYS A 82 -0.30 3.94 -4.81
CA LYS A 82 -1.38 4.91 -4.71
C LYS A 82 -1.72 5.47 -6.09
N ALA A 83 -0.70 5.71 -6.90
CA ALA A 83 -0.92 6.25 -8.24
C ALA A 83 -1.91 5.38 -9.01
N ASP A 84 -1.65 4.07 -9.03
CA ASP A 84 -2.52 3.14 -9.73
C ASP A 84 -3.98 3.36 -9.32
N ALA A 85 -4.20 3.59 -8.04
CA ALA A 85 -5.55 3.82 -7.54
C ALA A 85 -6.12 5.12 -8.10
N LEU A 86 -5.27 6.14 -8.18
CA LEU A 86 -5.69 7.44 -8.70
C LEU A 86 -5.90 7.36 -10.22
N ARG A 87 -5.31 6.34 -10.83
CA ARG A 87 -5.43 6.17 -12.27
C ARG A 87 -6.85 5.76 -12.65
N TYR A 88 -7.65 5.41 -11.65
CA TYR A 88 -9.04 4.99 -11.86
C TYR A 88 -9.96 5.67 -10.87
N ILE A 89 -9.83 6.98 -10.72
CA ILE A 89 -10.66 7.78 -9.80
C ILE A 89 -11.25 8.99 -10.51
N GLU A 90 -12.50 9.31 -10.21
CA GLU A 90 -13.15 10.45 -10.83
C GLU A 90 -12.40 11.74 -10.52
N GLY A 91 -11.97 12.44 -11.56
CA GLY A 91 -11.23 13.69 -11.40
C GLY A 91 -11.07 14.40 -12.74
N LYS A 92 -10.32 15.50 -12.74
CA LYS A 92 -10.09 16.25 -13.98
C LYS A 92 -8.91 15.67 -14.76
N GLU A 93 -8.67 14.37 -14.56
CA GLU A 93 -7.58 13.68 -15.25
C GLU A 93 -6.26 14.38 -15.00
N VAL A 94 -6.05 14.81 -13.75
CA VAL A 94 -4.82 15.49 -13.36
C VAL A 94 -4.22 14.83 -12.13
N GLU A 95 -5.06 14.32 -11.24
CA GLU A 95 -4.56 13.68 -10.03
C GLU A 95 -3.60 12.54 -10.38
N ALA A 96 -4.04 11.64 -11.26
CA ALA A 96 -3.20 10.52 -11.66
C ALA A 96 -1.90 11.01 -12.31
N GLU A 97 -1.99 12.13 -13.02
CA GLU A 97 -0.80 12.67 -13.69
C GLU A 97 0.24 13.10 -12.66
N ILE A 98 -0.17 13.91 -11.70
CA ILE A 98 0.74 14.39 -10.66
C ILE A 98 1.26 13.21 -9.85
N ALA A 99 0.40 12.27 -9.51
CA ALA A 99 0.81 11.12 -8.72
C ALA A 99 1.87 10.33 -9.46
N GLU A 100 1.55 9.92 -10.68
CA GLU A 100 2.49 9.15 -11.48
C GLU A 100 3.82 9.89 -11.60
N ALA A 101 3.76 11.21 -11.76
CA ALA A 101 4.97 12.00 -11.89
C ALA A 101 5.71 12.08 -10.56
N ARG A 102 4.99 12.39 -9.49
CA ARG A 102 5.58 12.49 -8.17
C ARG A 102 6.20 11.16 -7.75
N ALA A 103 5.52 10.06 -8.06
CA ALA A 103 6.02 8.75 -7.69
C ALA A 103 7.41 8.50 -8.28
N LYS A 104 7.54 8.78 -9.58
CA LYS A 104 8.81 8.58 -10.26
C LYS A 104 9.80 9.67 -9.88
N LEU A 105 9.33 10.92 -9.90
CA LEU A 105 10.20 12.05 -9.56
C LEU A 105 10.61 11.96 -8.10
N GLU A 106 11.76 11.36 -7.84
CA GLU A 106 12.29 11.21 -6.49
C GLU A 106 13.78 11.50 -6.45
N HIS A 107 14.53 10.87 -7.34
CA HIS A 107 15.98 11.07 -7.40
C HIS A 107 16.52 10.58 -8.74
N HIS A 108 17.84 10.57 -8.89
CA HIS A 108 18.46 10.12 -10.13
C HIS A 108 18.35 8.60 -10.25
N HIS A 109 17.98 8.12 -11.44
CA HIS A 109 17.83 6.69 -11.68
C HIS A 109 17.98 6.38 -13.16
N HIS A 110 17.18 7.03 -13.99
CA HIS A 110 17.24 6.82 -15.43
C HIS A 110 18.45 7.51 -16.03
N HIS A 111 19.25 6.75 -16.77
CA HIS A 111 20.45 7.30 -17.40
C HIS A 111 20.08 8.17 -18.60
N HIS A 112 20.72 9.32 -18.70
CA HIS A 112 20.46 10.24 -19.80
C HIS A 112 20.85 9.61 -21.13
N MET A 1 3.36 -12.88 22.99
CA MET A 1 4.29 -12.17 23.93
C MET A 1 5.72 -12.39 23.48
N VAL A 2 6.14 -13.64 23.41
CA VAL A 2 7.49 -13.98 22.98
C VAL A 2 7.72 -13.56 21.54
N ASP A 3 6.64 -13.55 20.76
CA ASP A 3 6.73 -13.18 19.34
C ASP A 3 7.02 -11.68 19.21
N GLN A 4 8.28 -11.35 18.96
CA GLN A 4 8.67 -9.96 18.80
C GLN A 4 8.05 -9.38 17.54
N ASN A 5 8.01 -10.18 16.48
CA ASN A 5 7.44 -9.71 15.23
C ASN A 5 6.84 -10.87 14.41
N PRO A 6 5.90 -10.61 13.55
CA PRO A 6 5.28 -11.68 12.70
C PRO A 6 6.32 -12.43 11.87
N GLU A 7 6.73 -11.86 10.74
CA GLU A 7 7.72 -12.48 9.85
C GLU A 7 7.13 -13.73 9.19
N GLU A 8 6.53 -14.59 10.00
CA GLU A 8 5.91 -15.82 9.49
C GLU A 8 4.58 -15.52 8.82
N TYR A 9 3.84 -14.57 9.37
CA TYR A 9 2.53 -14.19 8.84
C TYR A 9 2.66 -13.84 7.37
N TYR A 10 3.88 -13.64 6.87
CA TYR A 10 4.11 -13.31 5.48
C TYR A 10 3.51 -14.39 4.57
N LEU A 11 3.11 -15.51 5.15
CA LEU A 11 2.54 -16.61 4.37
C LEU A 11 1.51 -16.11 3.38
N GLU A 12 0.91 -14.97 3.73
CA GLU A 12 -0.11 -14.39 2.88
C GLU A 12 0.41 -14.23 1.45
N GLY A 13 1.58 -13.60 1.33
CA GLY A 13 2.19 -13.39 0.01
C GLY A 13 1.92 -14.58 -0.92
N VAL A 14 1.82 -15.77 -0.34
CA VAL A 14 1.54 -16.98 -1.11
C VAL A 14 0.05 -17.10 -1.40
N LEU A 15 -0.77 -16.99 -0.36
CA LEU A 15 -2.22 -17.10 -0.52
C LEU A 15 -2.68 -16.29 -1.70
N GLN A 16 -2.58 -14.97 -1.63
CA GLN A 16 -3.01 -14.13 -2.74
C GLN A 16 -2.46 -14.67 -4.06
N TYR A 17 -1.15 -14.88 -4.14
CA TYR A 17 -0.54 -15.38 -5.37
C TYR A 17 -1.25 -16.66 -5.83
N ASP A 18 -1.20 -17.70 -5.00
CA ASP A 18 -1.85 -18.97 -5.35
C ASP A 18 -3.36 -18.87 -5.14
N ALA A 19 -3.79 -18.89 -3.89
CA ALA A 19 -5.21 -18.81 -3.56
C ALA A 19 -5.74 -17.40 -3.83
N GLY A 20 -6.62 -17.27 -4.81
CA GLY A 20 -7.20 -15.98 -5.19
C GLY A 20 -8.33 -15.60 -4.24
N ASN A 21 -8.01 -15.49 -2.96
CA ASN A 21 -9.00 -15.12 -1.93
C ASN A 21 -8.57 -13.86 -1.23
N TYR A 22 -8.42 -12.78 -2.00
CA TYR A 22 -8.01 -11.50 -1.42
C TYR A 22 -8.70 -11.29 -0.07
N THR A 23 -9.97 -11.69 0.01
CA THR A 23 -10.73 -11.54 1.25
C THR A 23 -9.98 -12.21 2.41
N GLU A 24 -9.57 -13.46 2.21
CA GLU A 24 -8.84 -14.17 3.26
C GLU A 24 -7.60 -13.39 3.69
N SER A 25 -6.84 -12.89 2.72
CA SER A 25 -5.63 -12.15 3.03
C SER A 25 -5.90 -11.06 4.07
N ILE A 26 -7.08 -10.44 3.98
CA ILE A 26 -7.46 -9.39 4.93
C ILE A 26 -7.52 -9.96 6.34
N ASP A 27 -8.12 -11.13 6.48
CA ASP A 27 -8.26 -11.72 7.79
C ASP A 27 -6.89 -11.91 8.43
N LEU A 28 -5.97 -12.44 7.64
CA LEU A 28 -4.63 -12.66 8.15
C LEU A 28 -3.90 -11.33 8.39
N PHE A 29 -4.04 -10.41 7.43
CA PHE A 29 -3.38 -9.12 7.56
C PHE A 29 -3.75 -8.45 8.88
N GLU A 30 -5.04 -8.48 9.20
CA GLU A 30 -5.50 -7.85 10.43
C GLU A 30 -4.74 -8.42 11.63
N LYS A 31 -4.39 -9.70 11.57
CA LYS A 31 -3.66 -10.32 12.66
C LYS A 31 -2.24 -9.77 12.75
N ALA A 32 -1.58 -9.68 11.60
CA ALA A 32 -0.20 -9.17 11.57
C ALA A 32 -0.14 -7.77 12.17
N ILE A 33 -0.99 -6.89 11.67
CA ILE A 33 -1.03 -5.51 12.16
C ILE A 33 -1.34 -5.50 13.66
N GLN A 34 -2.28 -6.34 14.09
CA GLN A 34 -2.66 -6.39 15.50
C GLN A 34 -1.42 -6.58 16.37
N LEU A 35 -0.46 -7.35 15.86
CA LEU A 35 0.78 -7.60 16.60
C LEU A 35 1.64 -6.35 16.63
N ASP A 36 1.69 -5.64 15.51
CA ASP A 36 2.49 -4.43 15.43
C ASP A 36 2.12 -3.61 14.19
N PRO A 37 1.56 -2.43 14.35
CA PRO A 37 1.19 -1.59 13.20
C PRO A 37 2.37 -0.80 12.64
N GLU A 38 3.49 -0.79 13.36
CA GLU A 38 4.69 -0.08 12.93
C GLU A 38 5.32 -0.78 11.74
N GLU A 39 4.50 -1.30 10.83
CA GLU A 39 4.99 -1.99 9.64
C GLU A 39 4.29 -1.46 8.40
N SER A 40 4.95 -0.56 7.68
CA SER A 40 4.40 0.02 6.47
C SER A 40 4.26 -1.03 5.38
N LYS A 41 5.29 -1.84 5.20
CA LYS A 41 5.29 -2.88 4.17
C LYS A 41 4.00 -3.69 4.26
N TYR A 42 3.44 -3.85 5.45
CA TYR A 42 2.21 -4.60 5.65
C TYR A 42 1.00 -3.75 5.24
N TRP A 43 1.11 -2.45 5.45
CA TRP A 43 0.02 -1.54 5.08
C TRP A 43 0.01 -1.28 3.58
N LEU A 44 1.20 -1.13 3.02
CA LEU A 44 1.33 -0.87 1.59
C LEU A 44 0.65 -1.96 0.78
N MET A 45 0.81 -3.20 1.23
CA MET A 45 0.19 -4.32 0.54
C MET A 45 -1.34 -4.28 0.66
N LYS A 46 -1.79 -3.88 1.85
CA LYS A 46 -3.23 -3.82 2.08
C LYS A 46 -3.90 -2.89 1.07
N GLY A 47 -3.30 -1.72 0.86
CA GLY A 47 -3.87 -0.75 -0.08
C GLY A 47 -4.12 -1.40 -1.44
N LYS A 48 -3.17 -2.19 -1.91
CA LYS A 48 -3.31 -2.86 -3.20
C LYS A 48 -4.50 -3.81 -3.18
N ALA A 49 -4.76 -4.42 -2.02
CA ALA A 49 -5.90 -5.34 -1.90
C ALA A 49 -7.23 -4.61 -2.04
N LEU A 50 -7.35 -3.53 -1.27
CA LEU A 50 -8.58 -2.74 -1.31
C LEU A 50 -8.77 -2.10 -2.68
N TYR A 51 -7.69 -1.57 -3.23
CA TYR A 51 -7.76 -0.94 -4.54
C TYR A 51 -8.29 -1.92 -5.58
N ASN A 52 -7.70 -3.12 -5.64
CA ASN A 52 -8.13 -4.11 -6.60
C ASN A 52 -9.58 -4.51 -6.36
N LEU A 53 -10.05 -4.32 -5.14
CA LEU A 53 -11.42 -4.65 -4.76
C LEU A 53 -12.37 -3.55 -5.18
N GLU A 54 -11.91 -2.66 -6.06
CA GLU A 54 -12.71 -1.55 -6.58
C GLU A 54 -12.90 -0.49 -5.49
N ARG A 55 -12.24 -0.68 -4.36
CA ARG A 55 -12.33 0.26 -3.24
C ARG A 55 -11.23 1.31 -3.33
N TYR A 56 -11.26 2.06 -4.43
CA TYR A 56 -10.25 3.12 -4.65
C TYR A 56 -10.23 4.08 -3.47
N GLU A 57 -11.42 4.37 -2.95
CA GLU A 57 -11.53 5.29 -1.81
C GLU A 57 -10.91 4.68 -0.55
N GLU A 58 -11.32 3.46 -0.25
CA GLU A 58 -10.81 2.78 0.94
C GLU A 58 -9.29 2.57 0.82
N ALA A 59 -8.85 2.16 -0.35
CA ALA A 59 -7.43 1.92 -0.58
C ALA A 59 -6.63 3.18 -0.27
N VAL A 60 -7.15 4.33 -0.70
CA VAL A 60 -6.47 5.60 -0.44
C VAL A 60 -6.33 5.82 1.06
N ASP A 61 -7.32 5.41 1.85
CA ASP A 61 -7.26 5.59 3.29
C ASP A 61 -6.05 4.86 3.87
N CYS A 62 -5.74 3.70 3.30
CA CYS A 62 -4.59 2.93 3.79
C CYS A 62 -3.29 3.63 3.44
N TYR A 63 -3.13 4.02 2.18
CA TYR A 63 -1.93 4.70 1.75
C TYR A 63 -1.73 5.99 2.55
N ASN A 64 -2.81 6.74 2.73
CA ASN A 64 -2.74 7.99 3.48
C ASN A 64 -2.35 7.73 4.93
N TYR A 65 -2.85 6.62 5.46
CA TYR A 65 -2.55 6.26 6.84
C TYR A 65 -1.04 6.10 7.01
N VAL A 66 -0.40 5.42 6.06
CA VAL A 66 1.04 5.20 6.13
C VAL A 66 1.79 6.52 6.06
N ILE A 67 1.26 7.47 5.31
CA ILE A 67 1.88 8.79 5.17
C ILE A 67 1.53 9.67 6.37
N ASN A 68 0.44 9.34 7.05
CA ASN A 68 -0.01 10.13 8.20
C ASN A 68 0.77 9.75 9.45
N VAL A 69 0.37 8.64 10.07
CA VAL A 69 1.03 8.19 11.29
C VAL A 69 2.55 8.24 11.12
N ILE A 70 3.05 7.85 9.96
CA ILE A 70 4.48 7.86 9.67
C ILE A 70 4.80 8.99 8.71
N GLU A 71 5.59 9.96 9.16
CA GLU A 71 5.98 11.10 8.34
C GLU A 71 6.95 10.65 7.24
N ASP A 72 6.86 9.39 6.82
CA ASP A 72 7.75 8.87 5.80
C ASP A 72 7.83 9.83 4.63
N GLU A 73 6.69 10.17 4.04
CA GLU A 73 6.64 11.10 2.89
C GLU A 73 7.90 10.98 2.03
N TYR A 74 8.32 9.75 1.79
CA TYR A 74 9.51 9.49 1.00
C TYR A 74 9.43 8.12 0.31
N ASN A 75 8.76 7.18 0.96
CA ASN A 75 8.61 5.83 0.42
C ASN A 75 8.07 5.90 -1.01
N LYS A 76 8.92 5.54 -1.96
CA LYS A 76 8.55 5.57 -3.38
C LYS A 76 7.45 4.55 -3.67
N ASP A 77 7.56 3.40 -3.00
CA ASP A 77 6.57 2.34 -3.20
C ASP A 77 5.18 2.82 -2.80
N VAL A 78 5.10 3.57 -1.70
CA VAL A 78 3.82 4.10 -1.24
C VAL A 78 3.25 5.10 -2.23
N TRP A 79 4.08 6.02 -2.70
CA TRP A 79 3.64 7.03 -3.66
C TRP A 79 3.24 6.37 -4.98
N ALA A 80 4.09 5.46 -5.48
CA ALA A 80 3.81 4.77 -6.73
C ALA A 80 2.52 3.97 -6.62
N ALA A 81 2.38 3.23 -5.53
CA ALA A 81 1.19 2.41 -5.32
C ALA A 81 -0.06 3.28 -5.28
N LYS A 82 0.02 4.39 -4.56
CA LYS A 82 -1.11 5.30 -4.44
C LYS A 82 -1.49 5.85 -5.82
N ALA A 83 -0.49 6.09 -6.66
CA ALA A 83 -0.74 6.61 -8.00
C ALA A 83 -1.73 5.73 -8.75
N ASP A 84 -1.48 4.42 -8.72
CA ASP A 84 -2.36 3.47 -9.40
C ASP A 84 -3.81 3.68 -8.97
N ALA A 85 -4.01 3.90 -7.67
CA ALA A 85 -5.36 4.12 -7.15
C ALA A 85 -5.94 5.42 -7.68
N LEU A 86 -5.09 6.43 -7.81
CA LEU A 86 -5.52 7.74 -8.31
C LEU A 86 -5.74 7.68 -9.83
N ARG A 87 -5.09 6.71 -10.48
CA ARG A 87 -5.22 6.56 -11.92
C ARG A 87 -6.63 6.14 -12.29
N TYR A 88 -7.35 5.59 -11.32
CA TYR A 88 -8.73 5.13 -11.54
C TYR A 88 -9.66 5.68 -10.46
N ILE A 89 -9.71 6.99 -10.32
CA ILE A 89 -10.57 7.65 -9.33
C ILE A 89 -11.46 8.70 -9.99
N GLU A 90 -12.73 8.73 -9.62
CA GLU A 90 -13.67 9.69 -10.17
C GLU A 90 -13.70 9.58 -11.69
N GLY A 91 -12.77 10.25 -12.37
CA GLY A 91 -12.70 10.22 -13.83
C GLY A 91 -11.54 11.06 -14.34
N LYS A 92 -10.70 10.46 -15.17
CA LYS A 92 -9.54 11.16 -15.72
C LYS A 92 -8.80 11.92 -14.62
N GLU A 93 -8.98 13.24 -14.58
CA GLU A 93 -8.34 14.07 -13.57
C GLU A 93 -6.84 14.09 -13.78
N VAL A 94 -6.24 15.27 -13.61
CA VAL A 94 -4.80 15.43 -13.78
C VAL A 94 -4.09 15.04 -12.49
N GLU A 95 -4.83 14.73 -11.44
CA GLU A 95 -4.24 14.35 -10.16
C GLU A 95 -3.32 13.14 -10.33
N ALA A 96 -3.83 12.11 -11.01
CA ALA A 96 -3.05 10.89 -11.22
C ALA A 96 -1.72 11.23 -11.90
N GLU A 97 -1.70 12.32 -12.66
CA GLU A 97 -0.48 12.71 -13.37
C GLU A 97 0.59 13.15 -12.37
N ILE A 98 0.20 13.99 -11.42
CA ILE A 98 1.14 14.48 -10.42
C ILE A 98 1.71 13.32 -9.61
N ALA A 99 0.84 12.40 -9.20
CA ALA A 99 1.29 11.25 -8.41
C ALA A 99 2.19 10.35 -9.25
N GLU A 100 1.73 10.05 -10.46
CA GLU A 100 2.51 9.18 -11.34
C GLU A 100 3.88 9.79 -11.62
N ALA A 101 3.91 11.08 -11.92
CA ALA A 101 5.18 11.76 -12.21
C ALA A 101 5.99 11.95 -10.93
N ARG A 102 5.31 12.32 -9.85
CA ARG A 102 5.97 12.54 -8.57
C ARG A 102 6.57 11.24 -8.05
N ALA A 103 5.86 10.13 -8.23
CA ALA A 103 6.34 8.84 -7.77
C ALA A 103 7.70 8.51 -8.39
N LYS A 104 7.79 8.66 -9.71
CA LYS A 104 9.03 8.37 -10.43
C LYS A 104 10.12 9.38 -10.05
N LEU A 105 9.72 10.65 -10.00
CA LEU A 105 10.68 11.71 -9.66
C LEU A 105 11.94 11.58 -10.52
N GLU A 106 11.98 12.35 -11.61
CA GLU A 106 13.13 12.32 -12.51
C GLU A 106 14.37 12.84 -11.81
N HIS A 107 15.53 12.28 -12.17
CA HIS A 107 16.79 12.70 -11.57
C HIS A 107 17.02 14.18 -11.80
N HIS A 108 17.80 14.80 -10.92
CA HIS A 108 18.10 16.22 -11.03
C HIS A 108 19.40 16.55 -10.30
N HIS A 109 19.71 17.83 -10.16
CA HIS A 109 20.93 18.27 -9.49
C HIS A 109 22.16 17.60 -10.12
N HIS A 110 22.82 16.75 -9.35
CA HIS A 110 24.01 16.05 -9.84
C HIS A 110 23.62 14.72 -10.47
N HIS A 111 23.84 14.60 -11.78
CA HIS A 111 23.52 13.38 -12.51
C HIS A 111 24.67 12.38 -12.42
N HIS A 112 24.36 11.11 -12.64
CA HIS A 112 25.37 10.06 -12.57
C HIS A 112 26.48 10.34 -13.58
#